data_5Z5R
#
_entry.id   5Z5R
#
_entity_poly.entity_id   1
_entity_poly.type   'polypeptide(L)'
_entity_poly.pdbx_seq_one_letter_code
;KKKSGVIP(DBB)V(DAL)HDCHMN(DAL)FQFVF(DBU)CCS
;
_entity_poly.pdbx_strand_id   A
#
# COMPACT_ATOMS: atom_id res chain seq x y z
N LYS A 1 -14.72 2.46 -1.01
CA LYS A 1 -13.74 2.93 -0.04
C LYS A 1 -12.52 2.02 -0.01
N LYS A 2 -11.50 2.37 -0.80
CA LYS A 2 -10.28 1.59 -0.88
C LYS A 2 -9.15 2.27 -0.10
N LYS A 3 -8.84 3.51 -0.50
CA LYS A 3 -7.79 4.27 0.15
C LYS A 3 -7.99 4.31 1.66
N SER A 4 -7.13 3.59 2.39
CA SER A 4 -7.22 3.54 3.84
C SER A 4 -5.88 3.87 4.48
N GLY A 5 -4.84 3.17 4.05
CA GLY A 5 -3.51 3.39 4.59
C GLY A 5 -3.19 2.47 5.76
N VAL A 6 -3.21 1.17 5.50
CA VAL A 6 -2.92 0.18 6.53
C VAL A 6 -1.48 0.33 7.05
N ILE A 7 -0.54 -0.18 6.27
CA ILE A 7 0.88 -0.09 6.66
C ILE A 7 1.75 0.16 5.43
N PRO A 8 2.26 1.40 5.31
CA PRO A 8 3.13 1.80 4.21
C PRO A 8 4.50 1.13 4.27
N DBB A 9 4.74 0.18 3.39
CA DBB A 9 6.03 -0.53 3.34
C DBB A 9 5.80 -2.00 3.63
O DBB A 9 6.61 -2.65 4.27
CB DBB A 9 6.66 -0.37 1.97
CG DBB A 9 7.64 -1.52 1.71
H DBB A 9 4.04 -0.06 2.74
HA DBB A 9 6.69 -0.12 4.11
HB2 DBB A 9 7.19 0.58 1.93
HG1 DBB A 9 8.41 -1.19 1.02
HG2 DBB A 9 8.10 -1.82 2.65
HG3 DBB A 9 7.10 -2.37 1.28
N VAL A 10 4.68 -2.52 3.13
CA VAL A 10 4.34 -3.92 3.33
C VAL A 10 4.26 -4.66 2.00
N DAL A 11 4.11 -3.90 0.92
CA DAL A 11 4.02 -4.49 -0.43
CB DAL A 11 2.82 -5.43 -0.50
C DAL A 11 5.29 -5.27 -0.73
O DAL A 11 6.09 -5.51 0.17
H DAL A 11 4.06 -2.93 1.02
HA DAL A 11 3.90 -3.70 -1.16
HB1 DAL A 11 2.98 -6.17 -1.28
HB2 DAL A 11 2.70 -5.93 0.47
N HIS A 12 5.45 -5.66 -1.98
CA HIS A 12 6.62 -6.40 -2.40
C HIS A 12 7.68 -5.49 -3.00
N ASP A 13 7.24 -4.34 -3.52
CA ASP A 13 8.14 -3.37 -4.12
C ASP A 13 7.84 -1.96 -3.62
N CYS A 14 6.96 -1.87 -2.63
CA CYS A 14 6.58 -0.58 -2.07
C CYS A 14 7.83 0.23 -1.67
N HIS A 15 7.82 1.51 -2.01
CA HIS A 15 8.94 2.39 -1.70
C HIS A 15 8.44 3.76 -1.25
N MET A 16 7.58 3.77 -0.23
CA MET A 16 7.03 5.02 0.29
C MET A 16 6.16 5.71 -0.75
N ASN A 17 4.93 5.24 -0.89
CA ASN A 17 3.99 5.81 -1.86
C ASN A 17 2.61 6.01 -1.23
N DAL A 18 1.89 4.92 -1.06
CA DAL A 18 0.54 4.97 -0.46
CB DAL A 18 0.12 3.57 -0.02
C DAL A 18 -0.44 5.50 -1.47
O DAL A 18 -0.92 6.62 -1.36
H DAL A 18 2.25 4.05 -1.34
HA DAL A 18 0.56 5.63 0.41
HB1 DAL A 18 -0.91 3.59 0.35
HB2 DAL A 18 0.18 2.89 -0.87
N PHE A 19 -0.73 4.68 -2.48
CA PHE A 19 -1.66 5.07 -3.54
C PHE A 19 -2.95 4.24 -3.46
N GLN A 20 -2.80 2.96 -3.13
CA GLN A 20 -3.94 2.07 -3.03
C GLN A 20 -3.50 0.66 -2.63
N PHE A 21 -4.37 -0.06 -1.93
CA PHE A 21 -4.06 -1.41 -1.48
C PHE A 21 -4.83 -2.44 -2.32
N VAL A 22 -4.18 -2.96 -3.35
CA VAL A 22 -4.79 -3.95 -4.22
C VAL A 22 -4.77 -5.34 -3.58
N PHE A 23 -3.99 -5.47 -2.52
CA PHE A 23 -3.87 -6.74 -1.81
C PHE A 23 -3.02 -6.60 -0.55
N DBU A 24 -3.08 -5.43 0.06
CA DBU A 24 -2.37 -5.17 1.19
CB DBU A 24 -2.63 -5.62 2.43
CG DBU A 24 -3.79 -6.50 2.83
C DBU A 24 -1.16 -4.31 1.06
O DBU A 24 -0.67 -3.75 2.05
H DBU A 24 -3.65 -4.72 -0.32
HB DBU A 24 -1.99 -5.34 3.26
HG1 DBU A 24 -4.41 -6.79 1.98
HG2 DBU A 24 -4.42 -5.96 3.54
HG3 DBU A 24 -3.41 -7.40 3.30
N CYS A 25 -0.65 -4.19 -0.17
CA CYS A 25 0.53 -3.38 -0.43
C CYS A 25 0.19 -1.89 -0.40
N CYS A 26 1.21 -1.05 -0.31
CA CYS A 26 1.02 0.40 -0.28
C CYS A 26 1.79 1.07 -1.41
N SER A 27 1.38 0.82 -2.64
CA SER A 27 2.03 1.40 -3.81
C SER A 27 1.00 1.95 -4.79
N LYS A 1 -9.98 8.13 3.81
CA LYS A 1 -9.43 6.87 3.31
C LYS A 1 -10.53 5.84 3.10
N LYS A 2 -10.89 5.62 1.85
CA LYS A 2 -11.94 4.65 1.51
C LYS A 2 -11.44 3.66 0.46
N LYS A 3 -10.91 4.18 -0.64
CA LYS A 3 -10.39 3.34 -1.72
C LYS A 3 -9.42 2.30 -1.17
N SER A 4 -8.47 2.77 -0.35
CA SER A 4 -7.48 1.87 0.22
C SER A 4 -6.78 2.55 1.40
N GLY A 5 -5.94 1.78 2.11
CA GLY A 5 -5.23 2.31 3.24
C GLY A 5 -5.11 1.30 4.38
N VAL A 6 -4.50 0.16 4.08
CA VAL A 6 -4.33 -0.90 5.08
C VAL A 6 -3.12 -0.60 5.97
N ILE A 7 -1.93 -0.92 5.47
CA ILE A 7 -0.71 -0.68 6.23
C ILE A 7 0.42 -0.23 5.31
N PRO A 8 0.83 1.04 5.43
CA PRO A 8 1.90 1.61 4.62
C PRO A 8 3.27 1.05 4.99
N DBB A 9 3.73 0.07 4.22
CA DBB A 9 5.03 -0.56 4.47
C DBB A 9 4.85 -2.04 4.65
O DBB A 9 5.36 -2.64 5.59
CB DBB A 9 5.97 -0.29 3.27
CG DBB A 9 5.60 1.04 2.63
H DBB A 9 3.19 -0.24 3.46
HA DBB A 9 5.48 -0.14 5.37
HB2 DBB A 9 5.85 -1.10 2.54
HG1 DBB A 9 6.35 1.30 1.89
HG2 DBB A 9 4.62 0.95 2.14
HG3 DBB A 9 5.55 1.82 3.39
N VAL A 10 4.12 -2.66 3.72
CA VAL A 10 3.86 -4.09 3.77
C VAL A 10 4.29 -4.78 2.48
N DAL A 11 4.39 -3.99 1.41
CA DAL A 11 4.80 -4.53 0.10
CB DAL A 11 3.82 -5.63 -0.32
C DAL A 11 6.19 -5.10 0.20
O DAL A 11 6.65 -5.42 1.30
H DAL A 11 4.18 -3.04 1.49
HA DAL A 11 4.78 -3.73 -0.63
HB1 DAL A 11 4.27 -6.24 -1.11
HB2 DAL A 11 3.59 -6.26 0.54
N HIS A 12 6.86 -5.22 -0.94
CA HIS A 12 8.21 -5.77 -0.97
C HIS A 12 9.24 -4.64 -1.03
N ASP A 13 8.90 -3.56 -1.74
CA ASP A 13 9.80 -2.42 -1.87
C ASP A 13 9.59 -1.44 -0.71
N CYS A 14 8.35 -1.32 -0.26
CA CYS A 14 8.02 -0.42 0.83
C CYS A 14 8.55 0.99 0.57
N HIS A 15 8.11 1.58 -0.54
CA HIS A 15 8.55 2.92 -0.92
C HIS A 15 7.39 3.72 -1.51
N MET A 16 6.44 4.08 -0.65
CA MET A 16 5.28 4.86 -1.08
C MET A 16 4.49 5.37 0.11
N ASN A 17 3.32 5.93 -0.16
CA ASN A 17 2.46 6.46 0.90
C ASN A 17 1.17 5.66 1.01
N DAL A 18 0.75 5.08 -0.10
CA DAL A 18 -0.49 4.27 -0.13
CB DAL A 18 -0.14 2.81 -0.39
C DAL A 18 -1.38 4.78 -1.22
O DAL A 18 -2.41 5.41 -0.97
H DAL A 18 1.27 5.18 -0.93
HA DAL A 18 -1.00 4.36 0.83
HB1 DAL A 18 -0.98 2.31 -0.87
HB2 DAL A 18 0.73 2.75 -1.03
N PHE A 19 -1.01 4.49 -2.47
CA PHE A 19 -1.79 4.91 -3.62
C PHE A 19 -2.80 3.85 -4.03
N GLN A 20 -2.44 2.58 -3.79
CA GLN A 20 -3.31 1.46 -4.13
C GLN A 20 -2.71 0.15 -3.67
N PHE A 21 -3.56 -0.84 -3.44
CA PHE A 21 -3.11 -2.16 -2.99
C PHE A 21 -3.49 -3.23 -4.00
N VAL A 22 -2.51 -3.70 -4.75
CA VAL A 22 -2.74 -4.74 -5.76
C VAL A 22 -2.80 -6.12 -5.12
N PHE A 23 -2.27 -6.22 -3.90
CA PHE A 23 -2.27 -7.49 -3.18
C PHE A 23 -1.74 -7.31 -1.76
N DBU A 24 -2.10 -6.19 -1.14
CA DBU A 24 -1.68 -5.91 0.13
CB DBU A 24 -2.19 -6.41 1.27
CG DBU A 24 -3.32 -7.39 1.38
C DBU A 24 -0.55 -4.95 0.29
O DBU A 24 -0.36 -4.38 1.36
H DBU A 24 -2.68 -5.55 -1.60
HB DBU A 24 -1.76 -6.11 2.23
HG1 DBU A 24 -3.86 -7.32 2.33
HG2 DBU A 24 -2.93 -8.41 1.30
HG3 DBU A 24 -4.02 -7.22 0.57
N CYS A 25 0.22 -4.77 -0.78
CA CYS A 25 1.36 -3.85 -0.76
C CYS A 25 0.88 -2.40 -0.81
N CYS A 26 1.77 -1.48 -0.42
CA CYS A 26 1.45 -0.06 -0.42
C CYS A 26 2.47 0.72 -1.24
N SER A 27 2.95 0.12 -2.32
CA SER A 27 3.94 0.76 -3.18
C SER A 27 3.86 0.20 -4.60
N LYS A 1 -14.23 4.46 2.97
CA LYS A 1 -14.88 4.56 1.66
C LYS A 1 -13.86 4.85 0.56
N LYS A 2 -12.78 5.52 0.93
CA LYS A 2 -11.73 5.87 -0.01
C LYS A 2 -10.36 5.43 0.51
N LYS A 3 -9.69 4.57 -0.25
CA LYS A 3 -8.37 4.08 0.14
C LYS A 3 -8.42 3.41 1.51
N SER A 4 -7.27 2.92 1.97
CA SER A 4 -7.18 2.25 3.26
C SER A 4 -5.99 2.76 4.06
N GLY A 5 -4.79 2.37 3.63
CA GLY A 5 -3.58 2.79 4.31
C GLY A 5 -3.31 1.99 5.57
N VAL A 6 -3.14 0.67 5.41
CA VAL A 6 -2.88 -0.21 6.54
C VAL A 6 -1.45 -0.03 7.05
N ILE A 7 -0.49 -0.51 6.27
CA ILE A 7 0.92 -0.41 6.64
C ILE A 7 1.78 -0.13 5.42
N PRO A 8 2.30 1.11 5.33
CA PRO A 8 3.15 1.53 4.22
C PRO A 8 4.53 0.85 4.26
N DBB A 9 4.67 -0.24 3.51
CA DBB A 9 5.94 -0.97 3.47
C DBB A 9 5.66 -2.44 3.66
O DBB A 9 6.38 -3.12 4.41
CB DBB A 9 6.60 -0.75 2.10
CG DBB A 9 6.38 0.70 1.66
H DBB A 9 3.91 -0.56 2.98
HA DBB A 9 6.60 -0.62 4.25
HB2 DBB A 9 6.16 -1.42 1.37
HG1 DBB A 9 7.00 0.91 0.79
HG2 DBB A 9 5.33 0.85 1.42
HG3 DBB A 9 6.67 1.37 2.47
N VAL A 10 4.64 -2.95 2.98
CA VAL A 10 4.28 -4.36 3.08
C VAL A 10 4.42 -5.06 1.73
N DAL A 11 4.42 -4.27 0.66
CA DAL A 11 4.54 -4.82 -0.70
CB DAL A 11 3.42 -5.83 -0.95
C DAL A 11 5.88 -5.52 -0.83
O DAL A 11 6.51 -5.86 0.16
H DAL A 11 4.32 -3.30 0.78
HA DAL A 11 4.48 -4.01 -1.42
HB1 DAL A 11 3.78 -6.63 -1.59
HB2 DAL A 11 3.09 -6.24 0.00
N HIS A 12 6.31 -5.72 -2.08
CA HIS A 12 7.57 -6.37 -2.35
C HIS A 12 8.68 -5.34 -2.61
N ASP A 13 8.31 -4.25 -3.27
CA ASP A 13 9.26 -3.19 -3.58
C ASP A 13 9.44 -2.25 -2.39
N CYS A 14 8.33 -1.90 -1.75
CA CYS A 14 8.36 -1.00 -0.61
C CYS A 14 9.14 0.27 -0.93
N HIS A 15 8.44 1.27 -1.47
CA HIS A 15 9.08 2.54 -1.82
C HIS A 15 8.31 3.71 -1.22
N MET A 16 7.19 4.07 -1.86
CA MET A 16 6.38 5.17 -1.39
C MET A 16 5.21 5.43 -2.35
N ASN A 17 4.00 5.47 -1.80
CA ASN A 17 2.81 5.70 -2.61
C ASN A 17 1.55 5.70 -1.75
N DAL A 18 1.07 4.51 -1.41
CA DAL A 18 -0.12 4.36 -0.57
CB DAL A 18 -0.22 2.93 -0.04
C DAL A 18 -1.35 4.66 -1.40
O DAL A 18 -2.02 5.68 -1.18
H DAL A 18 1.53 3.70 -1.73
HA DAL A 18 -0.07 5.06 0.27
HB1 DAL A 18 -1.20 2.76 0.37
HB2 DAL A 18 -0.03 2.23 -0.85
N PHE A 19 -1.65 3.79 -2.35
CA PHE A 19 -2.81 3.97 -3.22
C PHE A 19 -3.54 2.64 -3.42
N GLN A 20 -2.83 1.66 -3.97
CA GLN A 20 -3.41 0.34 -4.21
C GLN A 20 -2.77 -0.71 -3.32
N PHE A 21 -3.59 -1.38 -2.52
CA PHE A 21 -3.10 -2.43 -1.62
C PHE A 21 -3.33 -3.81 -2.22
N VAL A 22 -2.43 -4.23 -3.09
CA VAL A 22 -2.53 -5.54 -3.73
C VAL A 22 -2.05 -6.65 -2.79
N PHE A 23 -2.99 -7.23 -2.06
CA PHE A 23 -2.67 -8.30 -1.13
C PHE A 23 -2.08 -7.74 0.17
N DBU A 24 -2.01 -6.42 0.25
CA DBU A 24 -1.52 -5.80 1.36
CB DBU A 24 -1.93 -5.95 2.63
CG DBU A 24 -3.03 -6.85 3.10
C DBU A 24 -0.38 -4.84 1.16
O DBU A 24 0.05 -4.16 2.10
H DBU A 24 -2.33 -5.88 -0.49
HB DBU A 24 -1.45 -5.40 3.43
HG1 DBU A 24 -3.84 -6.95 2.38
HG2 DBU A 24 -3.46 -6.46 4.03
HG3 DBU A 24 -2.64 -7.85 3.30
N CYS A 25 0.11 -4.77 -0.07
CA CYS A 25 1.22 -3.88 -0.40
C CYS A 25 0.80 -2.42 -0.22
N CYS A 26 1.63 -1.51 -0.74
CA CYS A 26 1.36 -0.08 -0.63
C CYS A 26 2.17 0.71 -1.66
N SER A 27 1.89 0.46 -2.94
CA SER A 27 2.60 1.13 -4.02
C SER A 27 1.64 1.96 -4.87
N LYS A 1 -15.38 4.00 2.48
CA LYS A 1 -14.32 3.59 1.56
C LYS A 1 -13.71 4.82 0.87
N LYS A 2 -13.66 5.93 1.60
CA LYS A 2 -13.10 7.16 1.05
C LYS A 2 -11.67 6.95 0.58
N LYS A 3 -10.93 6.10 1.30
CA LYS A 3 -9.55 5.80 0.95
C LYS A 3 -8.96 4.77 1.90
N SER A 4 -7.80 4.23 1.54
CA SER A 4 -7.13 3.23 2.36
C SER A 4 -5.73 3.70 2.75
N GLY A 5 -5.08 2.92 3.61
CA GLY A 5 -3.74 3.27 4.05
C GLY A 5 -3.27 2.43 5.23
N VAL A 6 -3.36 1.11 5.08
CA VAL A 6 -2.96 0.19 6.14
C VAL A 6 -1.55 0.54 6.65
N ILE A 7 -0.54 0.06 5.94
CA ILE A 7 0.84 0.32 6.32
C ILE A 7 1.74 0.44 5.09
N PRO A 8 2.23 1.66 4.84
CA PRO A 8 3.11 1.95 3.70
C PRO A 8 4.49 1.30 3.86
N DBB A 9 4.93 0.59 2.82
CA DBB A 9 6.24 -0.07 2.85
C DBB A 9 6.08 -1.48 3.38
O DBB A 9 6.87 -1.93 4.22
CB DBB A 9 6.80 -0.13 1.43
CG DBB A 9 8.25 -0.63 1.48
H DBB A 9 4.36 0.51 2.02
HA DBB A 9 6.91 0.49 3.49
HB2 DBB A 9 6.78 0.87 0.99
HG1 DBB A 9 8.74 -0.25 2.38
HG2 DBB A 9 8.26 -1.71 1.50
HG3 DBB A 9 8.79 -0.27 0.59
N VAL A 10 5.05 -2.17 2.89
CA VAL A 10 4.79 -3.54 3.33
C VAL A 10 4.81 -4.50 2.14
N DAL A 11 4.81 -3.95 0.93
CA DAL A 11 4.83 -4.76 -0.28
CB DAL A 11 3.59 -5.66 -0.31
C DAL A 11 6.07 -5.63 -0.30
O DAL A 11 6.76 -5.75 0.71
H DAL A 11 4.81 -2.97 0.86
HA DAL A 11 4.83 -4.11 -1.15
HB1 DAL A 11 3.80 -6.56 -0.89
HB2 DAL A 11 3.31 -5.94 0.70
N HIS A 12 6.35 -6.23 -1.45
CA HIS A 12 7.52 -7.08 -1.60
C HIS A 12 8.66 -6.34 -2.29
N ASP A 13 8.40 -5.09 -2.66
CA ASP A 13 9.41 -4.26 -3.32
C ASP A 13 8.87 -2.86 -3.58
N CYS A 14 8.19 -2.29 -2.59
CA CYS A 14 7.63 -0.95 -2.72
C CYS A 14 8.54 0.08 -2.06
N HIS A 15 8.11 1.34 -2.09
CA HIS A 15 8.88 2.43 -1.49
C HIS A 15 8.01 3.26 -0.56
N MET A 16 7.05 3.98 -1.13
CA MET A 16 6.16 4.81 -0.35
C MET A 16 5.14 5.52 -1.24
N ASN A 17 3.87 5.17 -1.06
CA ASN A 17 2.79 5.77 -1.85
C ASN A 17 1.47 5.72 -1.09
N DAL A 18 0.86 4.53 -1.03
CA DAL A 18 -0.41 4.36 -0.33
CB DAL A 18 -0.65 2.86 -0.08
C DAL A 18 -1.52 4.91 -1.17
O DAL A 18 -2.20 5.86 -0.78
H DAL A 18 1.29 3.76 -1.45
HA DAL A 18 -0.38 4.88 0.63
HB1 DAL A 18 -1.63 2.73 0.38
HB2 DAL A 18 -0.62 2.32 -1.03
N PHE A 19 -1.73 4.31 -2.35
CA PHE A 19 -2.78 4.76 -3.26
C PHE A 19 -3.82 3.67 -3.46
N GLN A 20 -3.42 2.43 -3.23
CA GLN A 20 -4.32 1.28 -3.38
C GLN A 20 -3.61 -0.02 -3.03
N PHE A 21 -4.28 -0.84 -2.23
CA PHE A 21 -3.73 -2.12 -1.81
C PHE A 21 -4.28 -3.27 -2.65
N VAL A 22 -3.53 -3.66 -3.67
CA VAL A 22 -3.95 -4.74 -4.56
C VAL A 22 -3.70 -6.10 -3.93
N PHE A 23 -2.95 -6.11 -2.83
CA PHE A 23 -2.63 -7.35 -2.12
C PHE A 23 -1.90 -7.05 -0.81
N DBU A 24 -2.22 -5.90 -0.21
CA DBU A 24 -1.64 -5.53 0.97
CB DBU A 24 -1.99 -5.90 2.20
CG DBU A 24 -3.13 -6.82 2.54
C DBU A 24 -0.46 -4.60 0.89
O DBU A 24 -0.10 -3.97 1.88
H DBU A 24 -2.87 -5.31 -0.63
HB DBU A 24 -1.45 -5.54 3.07
HG1 DBU A 24 -3.09 -7.78 2.01
HG2 DBU A 24 -4.08 -6.34 2.30
HG3 DBU A 24 -3.12 -7.03 3.62
N CYS A 25 0.15 -4.51 -0.29
CA CYS A 25 1.30 -3.64 -0.50
C CYS A 25 0.87 -2.18 -0.60
N CYS A 26 1.84 -1.29 -0.73
CA CYS A 26 1.56 0.14 -0.84
C CYS A 26 2.40 0.76 -1.95
N SER A 27 2.73 -0.03 -2.96
CA SER A 27 3.53 0.45 -4.08
C SER A 27 2.83 1.62 -4.79
N LYS A 1 -11.81 7.16 -0.98
CA LYS A 1 -11.58 8.58 -0.88
C LYS A 1 -10.80 8.93 0.40
N LYS A 2 -11.06 8.18 1.46
CA LYS A 2 -10.38 8.40 2.74
C LYS A 2 -9.86 7.07 3.30
N LYS A 3 -8.98 6.42 2.55
CA LYS A 3 -8.40 5.15 2.98
C LYS A 3 -7.41 4.63 1.95
N SER A 4 -6.14 4.58 2.33
CA SER A 4 -5.09 4.10 1.42
C SER A 4 -5.35 2.66 1.01
N GLY A 5 -5.75 1.84 1.98
CA GLY A 5 -6.03 0.45 1.70
C GLY A 5 -5.93 -0.43 2.94
N VAL A 6 -4.70 -0.71 3.36
CA VAL A 6 -4.48 -1.53 4.54
C VAL A 6 -3.32 -1.01 5.37
N ILE A 7 -2.10 -1.18 4.87
CA ILE A 7 -0.91 -0.72 5.56
C ILE A 7 0.12 -0.18 4.58
N PRO A 8 0.29 1.15 4.57
CA PRO A 8 1.25 1.82 3.69
C PRO A 8 2.70 1.54 4.08
N DBB A 9 3.34 0.64 3.34
CA DBB A 9 4.74 0.27 3.61
C DBB A 9 4.81 -1.14 4.12
O DBB A 9 5.77 -1.54 4.77
CB DBB A 9 5.56 0.40 2.33
CG DBB A 9 7.04 0.20 2.64
H DBB A 9 2.88 0.21 2.60
HA DBB A 9 5.15 0.95 4.36
HB2 DBB A 9 5.42 1.39 1.90
HG1 DBB A 9 7.26 0.61 3.63
HG2 DBB A 9 7.28 -0.87 2.63
HG3 DBB A 9 7.65 0.71 1.89
N VAL A 10 3.77 -1.92 3.81
CA VAL A 10 3.72 -3.31 4.24
C VAL A 10 4.30 -4.24 3.17
N DAL A 11 4.45 -3.71 1.96
CA DAL A 11 5.01 -4.50 0.84
CB DAL A 11 4.12 -5.72 0.61
C DAL A 11 6.41 -4.94 1.19
O DAL A 11 6.79 -4.96 2.36
H DAL A 11 4.19 -2.78 1.81
HA DAL A 11 5.03 -3.89 -0.06
HB1 DAL A 11 4.70 -6.49 0.08
HB2 DAL A 11 3.78 -6.12 1.56
N HIS A 12 7.17 -5.30 0.17
CA HIS A 12 8.55 -5.75 0.36
C HIS A 12 9.54 -4.61 0.09
N ASP A 13 9.04 -3.53 -0.49
CA ASP A 13 9.88 -2.39 -0.80
C ASP A 13 9.05 -1.28 -1.45
N CYS A 14 7.79 -1.16 -1.04
CA CYS A 14 6.91 -0.14 -1.60
C CYS A 14 7.36 1.26 -1.19
N HIS A 15 8.06 1.94 -2.09
CA HIS A 15 8.54 3.29 -1.83
C HIS A 15 7.93 4.29 -2.80
N MET A 16 6.61 4.44 -2.72
CA MET A 16 5.89 5.37 -3.58
C MET A 16 4.73 6.01 -2.85
N ASN A 17 3.64 5.27 -2.70
CA ASN A 17 2.45 5.77 -2.02
C ASN A 17 1.33 4.74 -2.06
N DAL A 18 0.23 5.04 -1.36
CA DAL A 18 -0.92 4.14 -1.32
CB DAL A 18 -0.45 2.73 -0.91
C DAL A 18 -1.57 4.08 -2.68
O DAL A 18 -2.64 4.67 -2.89
H DAL A 18 0.19 5.89 -0.88
HA DAL A 18 -1.64 4.51 -0.59
HB1 DAL A 18 -0.96 2.43 0.01
HB2 DAL A 18 -0.71 2.03 -1.70
N PHE A 19 -0.94 3.37 -3.60
CA PHE A 19 -1.47 3.22 -4.95
C PHE A 19 -2.53 2.14 -5.02
N GLN A 20 -2.14 0.92 -4.65
CA GLN A 20 -3.06 -0.21 -4.66
C GLN A 20 -2.43 -1.42 -3.99
N PHE A 21 -3.24 -2.46 -3.79
CA PHE A 21 -2.76 -3.69 -3.16
C PHE A 21 -2.99 -4.90 -4.07
N VAL A 22 -1.93 -5.29 -4.78
CA VAL A 22 -2.02 -6.44 -5.69
C VAL A 22 -1.92 -7.75 -4.93
N PHE A 23 -1.21 -7.73 -3.81
CA PHE A 23 -1.03 -8.92 -2.99
C PHE A 23 -0.80 -8.55 -1.53
N DBU A 24 -1.24 -7.36 -1.15
CA DBU A 24 -1.10 -6.90 0.13
CB DBU A 24 -1.70 -7.39 1.23
CG DBU A 24 -2.66 -8.55 1.27
C DBU A 24 -0.18 -5.76 0.36
O DBU A 24 -0.20 -5.11 1.41
H DBU A 24 -1.68 -6.77 -1.81
HB DBU A 24 -1.50 -6.95 2.20
HG1 DBU A 24 -3.29 -8.54 2.16
HG2 DBU A 24 -2.10 -9.49 1.25
HG3 DBU A 24 -3.31 -8.51 0.40
N CYS A 25 0.66 -5.46 -0.63
CA CYS A 25 1.62 -4.36 -0.54
C CYS A 25 0.94 -3.03 -0.85
N CYS A 26 1.62 -1.94 -0.53
CA CYS A 26 1.08 -0.60 -0.78
C CYS A 26 1.48 -0.10 -2.16
N SER A 27 2.66 -0.51 -2.62
CA SER A 27 3.16 -0.10 -3.92
C SER A 27 3.21 1.43 -4.03
N LYS A 1 -17.74 0.11 4.73
CA LYS A 1 -16.50 -0.45 4.18
C LYS A 1 -16.11 0.26 2.90
N LYS A 2 -16.04 1.59 2.95
CA LYS A 2 -15.68 2.38 1.78
C LYS A 2 -14.32 3.06 1.99
N LYS A 3 -13.91 3.85 1.00
CA LYS A 3 -12.63 4.56 1.08
C LYS A 3 -11.48 3.57 1.22
N SER A 4 -10.26 4.11 1.35
CA SER A 4 -9.07 3.28 1.49
C SER A 4 -8.62 3.22 2.95
N GLY A 5 -7.84 2.21 3.28
CA GLY A 5 -7.35 2.06 4.64
C GLY A 5 -6.14 1.15 4.73
N VAL A 6 -5.02 1.59 4.14
CA VAL A 6 -3.79 0.81 4.15
C VAL A 6 -2.67 1.57 4.85
N ILE A 7 -1.45 1.03 4.76
CA ILE A 7 -0.29 1.66 5.37
C ILE A 7 0.95 1.53 4.49
N PRO A 8 1.66 2.64 4.29
CA PRO A 8 2.87 2.68 3.46
C PRO A 8 4.03 1.94 4.11
N DBB A 9 4.37 0.77 3.56
CA DBB A 9 5.46 -0.05 4.09
C DBB A 9 4.93 -1.37 4.55
O DBB A 9 5.39 -1.93 5.54
CB DBB A 9 6.51 -0.26 3.00
CG DBB A 9 6.62 1.00 2.14
H DBB A 9 3.86 0.45 2.79
HA DBB A 9 5.92 0.47 4.93
HB2 DBB A 9 6.21 -1.10 2.37
HG1 DBB A 9 5.71 1.12 1.55
HG2 DBB A 9 6.75 1.87 2.79
HG3 DBB A 9 7.48 0.91 1.47
N VAL A 10 3.94 -1.90 3.83
CA VAL A 10 3.34 -3.18 4.16
C VAL A 10 3.54 -4.19 3.04
N DAL A 11 3.97 -3.70 1.88
CA DAL A 11 4.20 -4.57 0.72
CB DAL A 11 2.90 -5.30 0.36
C DAL A 11 5.26 -5.58 1.05
O DAL A 11 5.58 -5.80 2.22
H DAL A 11 4.14 -2.74 1.80
HA DAL A 11 4.52 -3.96 -0.13
HB1 DAL A 11 3.14 -6.27 -0.07
HB2 DAL A 11 2.29 -5.43 1.26
N HIS A 12 5.83 -6.20 0.02
CA HIS A 12 6.87 -7.20 0.20
C HIS A 12 8.25 -6.58 -0.01
N ASP A 13 8.29 -5.46 -0.71
CA ASP A 13 9.55 -4.77 -0.98
C ASP A 13 9.51 -3.34 -0.46
N CYS A 14 9.19 -3.18 0.81
CA CYS A 14 9.11 -1.86 1.42
C CYS A 14 10.34 -1.03 1.10
N HIS A 15 10.15 0.02 0.31
CA HIS A 15 11.25 0.89 -0.09
C HIS A 15 10.82 2.36 -0.05
N MET A 16 10.04 2.76 -1.04
CA MET A 16 9.56 4.14 -1.12
C MET A 16 8.68 4.34 -2.35
N ASN A 17 7.50 4.91 -2.14
CA ASN A 17 6.57 5.17 -3.24
C ASN A 17 5.31 5.85 -2.74
N DAL A 18 4.43 5.07 -2.10
CA DAL A 18 3.18 5.62 -1.57
CB DAL A 18 2.30 4.46 -1.07
C DAL A 18 2.44 6.36 -2.66
O DAL A 18 2.22 7.57 -2.55
H DAL A 18 4.63 4.12 -1.99
HA DAL A 18 3.39 6.29 -0.74
HB1 DAL A 18 1.61 4.83 -0.31
HB2 DAL A 18 1.74 4.04 -1.90
N PHE A 19 2.07 5.65 -3.71
CA PHE A 19 1.35 6.25 -4.83
C PHE A 19 -0.03 5.62 -5.00
N GLN A 20 -0.12 4.33 -4.71
CA GLN A 20 -1.38 3.61 -4.83
C GLN A 20 -1.21 2.14 -4.46
N PHE A 21 -2.23 1.58 -3.81
CA PHE A 21 -2.18 0.18 -3.40
C PHE A 21 -2.98 -0.69 -4.37
N VAL A 22 -2.26 -1.53 -5.11
CA VAL A 22 -2.89 -2.42 -6.08
C VAL A 22 -3.46 -3.66 -5.39
N PHE A 23 -2.98 -3.93 -4.18
CA PHE A 23 -3.45 -5.08 -3.42
C PHE A 23 -2.89 -5.06 -2.00
N DBU A 24 -2.75 -3.86 -1.45
CA DBU A 24 -2.27 -3.70 -0.18
CB DBU A 24 -2.89 -4.01 0.97
CG DBU A 24 -4.25 -4.60 1.09
C DBU A 24 -0.90 -3.13 -0.04
O DBU A 24 -0.63 -2.36 0.89
H DBU A 24 -3.01 -3.06 -1.96
HB DBU A 24 -2.40 -3.85 1.92
HG1 DBU A 24 -4.93 -4.00 1.72
HG2 DBU A 24 -4.19 -5.60 1.55
HG3 DBU A 24 -4.71 -4.72 0.10
N CYS A 25 -0.01 -3.49 -0.96
CA CYS A 25 1.36 -2.99 -0.93
C CYS A 25 1.43 -1.55 -1.41
N CYS A 26 2.57 -0.90 -1.17
CA CYS A 26 2.76 0.49 -1.57
C CYS A 26 3.49 0.57 -2.91
N SER A 27 4.15 -0.51 -3.28
CA SER A 27 4.89 -0.56 -4.54
C SER A 27 5.34 -1.99 -4.86
N LYS A 1 -10.14 4.93 7.63
CA LYS A 1 -10.89 3.86 6.98
C LYS A 1 -11.89 4.41 5.98
N LYS A 2 -11.37 4.99 4.91
CA LYS A 2 -12.22 5.56 3.86
C LYS A 2 -11.38 6.12 2.71
N LYS A 3 -10.30 6.83 3.06
CA LYS A 3 -9.42 7.41 2.07
C LYS A 3 -8.96 6.35 1.07
N SER A 4 -8.84 5.11 1.53
CA SER A 4 -8.42 4.01 0.67
C SER A 4 -8.90 2.67 1.22
N GLY A 5 -8.36 2.27 2.36
CA GLY A 5 -8.74 1.02 2.97
C GLY A 5 -7.55 0.17 3.34
N VAL A 6 -6.41 0.43 2.72
CA VAL A 6 -5.19 -0.32 2.99
C VAL A 6 -4.14 0.56 3.65
N ILE A 7 -2.91 0.06 3.70
CA ILE A 7 -1.81 0.80 4.32
C ILE A 7 -0.52 0.64 3.51
N PRO A 8 0.08 1.78 3.12
CA PRO A 8 1.32 1.79 2.34
C PRO A 8 2.51 1.33 3.16
N DBB A 9 3.14 0.25 2.73
CA DBB A 9 4.31 -0.31 3.42
C DBB A 9 3.96 -1.65 4.01
O DBB A 9 4.58 -2.09 4.98
CB DBB A 9 5.46 -0.47 2.43
CG DBB A 9 5.21 -1.70 1.55
H DBB A 9 2.82 -0.20 1.91
HA DBB A 9 4.61 0.37 4.21
HB2 DBB A 9 6.39 -0.61 2.97
HG1 DBB A 9 5.21 -2.60 2.16
HG2 DBB A 9 4.24 -1.61 1.06
HG3 DBB A 9 5.99 -1.77 0.79
N VAL A 10 2.96 -2.30 3.43
CA VAL A 10 2.52 -3.61 3.91
C VAL A 10 2.93 -4.71 2.94
N DAL A 11 3.28 -4.32 1.72
CA DAL A 11 3.70 -5.28 0.69
CB DAL A 11 2.58 -6.30 0.46
C DAL A 11 4.94 -6.00 1.16
O DAL A 11 4.89 -6.84 2.06
H DAL A 11 3.27 -3.37 1.50
HA DAL A 11 3.91 -4.76 -0.24
HB1 DAL A 11 3.02 -7.28 0.26
HB2 DAL A 11 1.96 -6.36 1.35
N HIS A 12 6.07 -5.68 0.54
CA HIS A 12 7.35 -6.30 0.89
C HIS A 12 8.41 -5.25 1.14
N ASP A 13 8.40 -4.18 0.35
CA ASP A 13 9.36 -3.11 0.48
C ASP A 13 9.00 -1.93 -0.42
N CYS A 14 8.27 -0.97 0.13
CA CYS A 14 7.86 0.21 -0.62
C CYS A 14 8.68 1.43 -0.23
N HIS A 15 8.32 2.58 -0.78
CA HIS A 15 9.02 3.82 -0.49
C HIS A 15 8.04 4.99 -0.34
N MET A 16 6.85 4.69 0.17
CA MET A 16 5.82 5.71 0.35
C MET A 16 5.38 6.28 -0.98
N ASN A 17 4.62 5.49 -1.74
CA ASN A 17 4.12 5.91 -3.05
C ASN A 17 2.67 5.48 -3.25
N DAL A 18 2.47 4.18 -3.43
CA DAL A 18 1.12 3.63 -3.63
CB DAL A 18 1.09 2.18 -3.16
C DAL A 18 0.77 3.70 -5.09
O DAL A 18 -0.08 4.51 -5.50
H DAL A 18 3.24 3.57 -3.43
HA DAL A 18 0.40 4.21 -3.06
HB1 DAL A 18 0.18 1.71 -3.52
HB2 DAL A 18 1.95 1.65 -3.56
N PHE A 19 1.39 2.86 -5.89
CA PHE A 19 1.15 2.82 -7.32
C PHE A 19 -0.04 1.93 -7.65
N GLN A 20 -0.17 0.83 -6.92
CA GLN A 20 -1.27 -0.10 -7.13
C GLN A 20 -1.18 -1.27 -6.13
N PHE A 21 -2.33 -1.85 -5.82
CA PHE A 21 -2.39 -2.97 -4.89
C PHE A 21 -2.85 -4.25 -5.60
N VAL A 22 -1.89 -5.05 -6.05
CA VAL A 22 -2.19 -6.30 -6.73
C VAL A 22 -2.58 -7.40 -5.75
N PHE A 23 -2.35 -7.14 -4.47
CA PHE A 23 -2.68 -8.10 -3.42
C PHE A 23 -2.44 -7.50 -2.04
N DBU A 24 -2.65 -6.19 -1.92
CA DBU A 24 -2.47 -5.55 -0.73
CB DBU A 24 -3.31 -5.55 0.32
CG DBU A 24 -4.62 -6.26 0.41
C DBU A 24 -1.21 -4.75 -0.57
O DBU A 24 -1.15 -3.86 0.28
H DBU A 24 -2.93 -5.68 -2.70
HB DBU A 24 -3.05 -4.99 1.22
HG1 DBU A 24 -5.23 -6.16 -0.49
HG2 DBU A 24 -5.19 -5.88 1.26
HG3 DBU A 24 -4.44 -7.33 0.58
N CYS A 25 -0.21 -5.04 -1.39
CA CYS A 25 1.06 -4.34 -1.33
C CYS A 25 0.93 -2.93 -1.90
N CYS A 26 1.90 -2.08 -1.59
CA CYS A 26 1.89 -0.71 -2.07
C CYS A 26 3.17 -0.40 -2.85
N SER A 27 3.22 -0.89 -4.09
CA SER A 27 4.39 -0.68 -4.94
C SER A 27 3.97 -0.51 -6.39
N LYS A 1 -18.44 3.56 2.47
CA LYS A 1 -17.42 4.51 2.89
C LYS A 1 -16.10 3.81 3.19
N LYS A 2 -15.23 3.75 2.18
CA LYS A 2 -13.93 3.10 2.33
C LYS A 2 -12.79 4.05 1.94
N LYS A 3 -11.57 3.68 2.28
CA LYS A 3 -10.40 4.49 1.96
C LYS A 3 -9.13 3.82 2.46
N SER A 4 -9.21 3.19 3.63
CA SER A 4 -8.05 2.51 4.21
C SER A 4 -8.21 0.99 4.12
N GLY A 5 -7.32 0.27 4.80
CA GLY A 5 -7.37 -1.18 4.77
C GLY A 5 -5.99 -1.80 4.72
N VAL A 6 -5.01 -1.03 4.27
CA VAL A 6 -3.63 -1.52 4.17
C VAL A 6 -2.66 -0.55 4.83
N ILE A 7 -1.37 -0.80 4.64
CA ILE A 7 -0.34 0.05 5.21
C ILE A 7 0.83 0.22 4.25
N PRO A 8 1.26 1.48 4.05
CA PRO A 8 2.37 1.81 3.16
C PRO A 8 3.71 1.35 3.71
N DBB A 9 4.21 0.23 3.18
CA DBB A 9 5.49 -0.32 3.63
C DBB A 9 5.29 -1.73 4.13
O DBB A 9 5.89 -2.14 5.11
CB DBB A 9 6.47 -0.34 2.45
CG DBB A 9 6.44 1.02 1.74
H DBB A 9 3.70 -0.23 2.48
HA DBB A 9 5.90 0.29 4.42
HB2 DBB A 9 6.18 -1.13 1.76
HG1 DBB A 9 6.60 1.81 2.46
HG2 DBB A 9 7.21 1.04 0.97
HG3 DBB A 9 5.46 1.15 1.27
N VAL A 10 4.43 -2.47 3.44
CA VAL A 10 4.14 -3.85 3.82
C VAL A 10 4.45 -4.82 2.70
N DAL A 11 4.80 -4.27 1.53
CA DAL A 11 5.13 -5.09 0.36
CB DAL A 11 3.94 -5.97 0.00
C DAL A 11 6.32 -5.95 0.67
O DAL A 11 6.69 -6.12 1.83
H DAL A 11 4.84 -3.28 1.46
HA DAL A 11 5.36 -4.43 -0.48
HB1 DAL A 11 4.29 -6.89 -0.47
HB2 DAL A 11 3.38 -6.21 0.90
N HIS A 12 6.94 -6.51 -0.37
CA HIS A 12 8.11 -7.36 -0.20
C HIS A 12 9.40 -6.58 -0.46
N ASP A 13 9.25 -5.32 -0.85
CA ASP A 13 10.40 -4.47 -1.12
C ASP A 13 10.36 -3.21 -0.27
N CYS A 14 9.22 -2.54 -0.27
CA CYS A 14 9.06 -1.31 0.51
C CYS A 14 10.03 -0.23 0.04
N HIS A 15 9.52 0.72 -0.73
CA HIS A 15 10.35 1.81 -1.24
C HIS A 15 9.66 3.16 -1.04
N MET A 16 8.68 3.44 -1.90
CA MET A 16 7.94 4.69 -1.81
C MET A 16 6.90 4.79 -2.94
N ASN A 17 5.64 4.59 -2.58
CA ASN A 17 4.56 4.65 -3.56
C ASN A 17 3.20 4.53 -2.87
N DAL A 18 3.00 5.29 -1.80
CA DAL A 18 1.75 5.27 -1.05
CB DAL A 18 1.36 3.83 -0.74
C DAL A 18 0.66 5.91 -1.88
O DAL A 18 0.19 7.01 -1.57
H DAL A 18 3.72 5.90 -1.51
HA DAL A 18 1.87 5.82 -0.12
HB1 DAL A 18 1.16 3.72 0.32
HB2 DAL A 18 0.47 3.55 -1.31
N PHE A 19 0.24 5.23 -2.94
CA PHE A 19 -0.80 5.73 -3.82
C PHE A 19 -2.00 4.78 -3.84
N GLN A 20 -1.72 3.49 -3.89
CA GLN A 20 -2.76 2.47 -3.92
C GLN A 20 -2.18 1.07 -3.82
N PHE A 21 -2.92 0.17 -3.16
CA PHE A 21 -2.47 -1.21 -2.99
C PHE A 21 -3.17 -2.13 -3.96
N VAL A 22 -2.40 -2.79 -4.83
CA VAL A 22 -2.95 -3.71 -5.81
C VAL A 22 -3.18 -5.09 -5.20
N PHE A 23 -2.37 -5.43 -4.21
CA PHE A 23 -2.48 -6.71 -3.53
C PHE A 23 -1.87 -6.66 -2.13
N DBU A 24 -1.91 -5.49 -1.52
CA DBU A 24 -1.40 -5.31 -0.27
CB DBU A 24 -1.90 -5.80 0.88
CG DBU A 24 -3.13 -6.65 1.02
C DBU A 24 -0.16 -4.49 -0.14
O DBU A 24 0.00 -3.72 0.80
H DBU A 24 -2.32 -4.72 -1.99
HB DBU A 24 -1.40 -5.59 1.82
HG1 DBU A 24 -2.92 -7.66 1.38
HG2 DBU A 24 -3.63 -6.73 0.06
HG3 DBU A 24 -3.82 -6.17 1.72
N CYS A 25 0.74 -4.63 -1.11
CA CYS A 25 2.00 -3.90 -1.10
C CYS A 25 1.77 -2.44 -1.50
N CYS A 26 2.76 -1.59 -1.22
CA CYS A 26 2.66 -0.18 -1.54
C CYS A 26 3.33 0.11 -2.89
N SER A 27 4.60 -0.25 -3.01
CA SER A 27 5.36 -0.02 -4.22
C SER A 27 4.94 -1.02 -5.31
N LYS A 1 -13.22 1.14 -4.35
CA LYS A 1 -12.10 1.99 -3.98
C LYS A 1 -12.41 2.80 -2.73
N LYS A 2 -11.44 2.86 -1.82
CA LYS A 2 -11.61 3.60 -0.58
C LYS A 2 -10.26 3.93 0.06
N LYS A 3 -10.12 5.15 0.56
CA LYS A 3 -8.88 5.59 1.18
C LYS A 3 -8.43 4.61 2.25
N SER A 4 -7.34 3.90 1.98
CA SER A 4 -6.82 2.91 2.92
C SER A 4 -5.41 3.29 3.37
N GLY A 5 -4.92 2.62 4.42
CA GLY A 5 -3.59 2.90 4.91
C GLY A 5 -3.20 1.99 6.06
N VAL A 6 -2.86 0.75 5.76
CA VAL A 6 -2.47 -0.21 6.77
C VAL A 6 -1.01 -0.02 7.18
N ILE A 7 -0.10 -0.49 6.35
CA ILE A 7 1.32 -0.38 6.63
C ILE A 7 2.12 -0.11 5.35
N PRO A 8 2.64 1.11 5.23
CA PRO A 8 3.42 1.52 4.05
C PRO A 8 4.79 0.84 4.00
N DBB A 9 4.86 -0.25 3.25
CA DBB A 9 6.12 -1.01 3.11
C DBB A 9 5.85 -2.47 3.37
O DBB A 9 6.63 -3.14 4.05
CB DBB A 9 6.66 -0.84 1.70
CG DBB A 9 5.96 0.34 1.01
H DBB A 9 4.06 -0.56 2.76
HA DBB A 9 6.84 -0.63 3.83
HB2 DBB A 9 6.48 -1.75 1.12
HG1 DBB A 9 6.03 1.22 1.66
HG2 DBB A 9 6.46 0.56 0.07
HG3 DBB A 9 4.92 0.10 0.84
N VAL A 10 4.75 -2.97 2.84
CA VAL A 10 4.38 -4.37 3.02
C VAL A 10 4.23 -5.08 1.68
N DAL A 11 4.04 -4.29 0.62
CA DAL A 11 3.90 -4.85 -0.74
CB DAL A 11 2.73 -5.83 -0.76
C DAL A 11 5.16 -5.56 -1.13
O DAL A 11 5.73 -6.32 -0.34
H DAL A 11 4.00 -3.33 0.74
HA DAL A 11 3.69 -4.04 -1.44
HB1 DAL A 11 2.84 -6.53 -1.58
HB2 DAL A 11 2.71 -6.40 0.18
N HIS A 12 5.60 -5.33 -2.36
CA HIS A 12 6.82 -5.96 -2.86
C HIS A 12 7.91 -4.91 -3.12
N ASP A 13 9.11 -5.18 -2.63
CA ASP A 13 10.23 -4.27 -2.81
C ASP A 13 10.13 -3.10 -1.84
N CYS A 14 8.98 -2.43 -1.85
CA CYS A 14 8.75 -1.27 -0.99
C CYS A 14 9.66 -0.12 -1.36
N HIS A 15 9.06 1.04 -1.64
CA HIS A 15 9.82 2.23 -2.02
C HIS A 15 9.24 3.47 -1.37
N MET A 16 8.04 3.85 -1.79
CA MET A 16 7.37 5.03 -1.26
C MET A 16 6.02 5.23 -1.91
N ASN A 17 4.94 5.07 -1.14
CA ASN A 17 3.59 5.23 -1.65
C ASN A 17 2.56 4.98 -0.55
N DAL A 18 1.30 4.85 -0.95
CA DAL A 18 0.21 4.60 0.00
CB DAL A 18 -0.02 3.09 0.13
C DAL A 18 -1.05 5.26 -0.49
O DAL A 18 -1.50 6.26 0.06
H DAL A 18 1.09 4.92 -1.91
HA DAL A 18 0.48 5.01 0.98
HB1 DAL A 18 -1.08 2.89 0.26
HB2 DAL A 18 0.34 2.60 -0.77
N PHE A 19 -1.64 4.69 -1.55
CA PHE A 19 -2.86 5.23 -2.12
C PHE A 19 -4.01 4.24 -1.96
N GLN A 20 -3.72 2.96 -2.15
CA GLN A 20 -4.73 1.92 -2.02
C GLN A 20 -4.09 0.56 -1.78
N PHE A 21 -4.85 -0.36 -1.21
CA PHE A 21 -4.36 -1.71 -0.94
C PHE A 21 -5.16 -2.75 -1.71
N VAL A 22 -4.55 -3.28 -2.77
CA VAL A 22 -5.20 -4.29 -3.59
C VAL A 22 -5.10 -5.67 -2.95
N PHE A 23 -4.18 -5.82 -2.00
CA PHE A 23 -4.00 -7.09 -1.31
C PHE A 23 -2.98 -6.94 -0.19
N DBU A 24 -3.05 -5.83 0.54
CA DBU A 24 -2.19 -5.59 1.58
CB DBU A 24 -2.29 -6.05 2.84
CG DBU A 24 -3.39 -6.91 3.37
C DBU A 24 -1.00 -4.74 1.29
O DBU A 24 -0.38 -4.19 2.21
H DBU A 24 -3.74 -5.18 0.34
HB DBU A 24 -1.54 -5.78 3.58
HG1 DBU A 24 -3.17 -7.99 3.31
HG2 DBU A 24 -4.32 -6.73 2.82
HG3 DBU A 24 -3.57 -6.67 4.43
N CYS A 25 -0.67 -4.60 0.01
CA CYS A 25 0.48 -3.80 -0.40
C CYS A 25 0.14 -2.31 -0.34
N CYS A 26 1.18 -1.48 -0.33
CA CYS A 26 0.99 -0.03 -0.28
C CYS A 26 1.74 0.65 -1.43
N SER A 27 1.62 0.08 -2.62
CA SER A 27 2.28 0.63 -3.80
C SER A 27 3.76 0.91 -3.52
N LYS A 1 -11.92 6.78 -2.07
CA LYS A 1 -10.78 7.54 -1.61
C LYS A 1 -10.02 6.78 -0.52
N LYS A 2 -8.70 6.76 -0.64
CA LYS A 2 -7.86 6.08 0.34
C LYS A 2 -8.21 4.59 0.43
N LYS A 3 -8.18 3.93 -0.73
CA LYS A 3 -8.50 2.51 -0.79
C LYS A 3 -7.66 1.72 0.22
N SER A 4 -8.34 1.11 1.18
CA SER A 4 -7.66 0.32 2.21
C SER A 4 -6.57 1.15 2.88
N GLY A 5 -5.76 0.47 3.70
CA GLY A 5 -4.67 1.16 4.39
C GLY A 5 -4.11 0.34 5.53
N VAL A 6 -3.84 -0.94 5.26
CA VAL A 6 -3.29 -1.83 6.27
C VAL A 6 -2.02 -1.26 6.89
N ILE A 7 -0.93 -1.33 6.13
CA ILE A 7 0.35 -0.81 6.60
C ILE A 7 1.14 -0.17 5.47
N PRO A 8 1.37 1.14 5.58
CA PRO A 8 2.12 1.90 4.56
C PRO A 8 3.59 1.54 4.54
N DBB A 9 3.91 0.38 3.98
CA DBB A 9 5.30 -0.08 3.89
C DBB A 9 5.38 -1.51 4.35
O DBB A 9 6.24 -1.87 5.16
CB DBB A 9 5.78 0.02 2.44
CG DBB A 9 4.57 0.09 1.51
H DBB A 9 3.19 -0.18 3.61
HA DBB A 9 5.93 0.55 4.52
HB2 DBB A 9 6.38 -0.85 2.20
HG1 DBB A 9 3.88 -0.72 1.75
HG2 DBB A 9 4.07 1.04 1.62
HG3 DBB A 9 4.91 -0.01 0.47
N VAL A 10 4.49 -2.34 3.83
CA VAL A 10 4.47 -3.75 4.20
C VAL A 10 4.64 -4.64 2.97
N DAL A 11 4.58 -4.03 1.79
CA DAL A 11 4.73 -4.77 0.53
CB DAL A 11 3.67 -5.88 0.45
C DAL A 11 6.11 -5.38 0.47
O DAL A 11 6.45 -6.24 1.27
H DAL A 11 4.43 -3.06 1.76
HA DAL A 11 4.60 -4.09 -0.31
HB1 DAL A 11 4.11 -6.76 -0.02
HB2 DAL A 11 3.34 -6.12 1.46
N HIS A 12 6.91 -4.93 -0.49
CA HIS A 12 8.26 -5.43 -0.66
C HIS A 12 9.23 -4.31 -1.02
N ASP A 13 8.79 -3.42 -1.91
CA ASP A 13 9.61 -2.30 -2.34
C ASP A 13 9.24 -1.03 -1.56
N CYS A 14 7.95 -0.74 -1.49
CA CYS A 14 7.47 0.44 -0.79
C CYS A 14 7.93 1.71 -1.49
N HIS A 15 7.26 2.06 -2.59
CA HIS A 15 7.60 3.25 -3.35
C HIS A 15 6.34 3.94 -3.87
N MET A 16 5.70 4.72 -3.00
CA MET A 16 4.48 5.44 -3.37
C MET A 16 4.01 6.32 -2.22
N ASN A 17 3.38 5.71 -1.22
CA ASN A 17 2.87 6.44 -0.07
C ASN A 17 2.17 5.50 0.91
N DAL A 18 1.06 4.92 0.47
CA DAL A 18 0.30 3.99 1.31
CB DAL A 18 0.45 2.57 0.77
C DAL A 18 -1.16 4.39 1.29
O DAL A 18 -1.67 4.94 2.27
H DAL A 18 0.75 5.11 -0.44
HA DAL A 18 0.68 4.03 2.34
HB1 DAL A 18 1.08 1.99 1.44
HB2 DAL A 18 -0.53 2.09 0.71
N PHE A 19 -1.83 4.10 0.19
CA PHE A 19 -3.24 4.43 0.04
C PHE A 19 -3.90 3.57 -1.03
N GLN A 20 -3.47 2.32 -1.13
CA GLN A 20 -4.01 1.40 -2.12
C GLN A 20 -3.34 0.03 -2.01
N PHE A 21 -4.15 -1.00 -1.73
CA PHE A 21 -3.63 -2.35 -1.60
C PHE A 21 -4.29 -3.28 -2.62
N VAL A 22 -3.50 -4.20 -3.16
CA VAL A 22 -4.00 -5.15 -4.14
C VAL A 22 -3.92 -6.58 -3.62
N PHE A 23 -3.17 -6.77 -2.55
CA PHE A 23 -3.00 -8.08 -1.96
C PHE A 23 -2.07 -8.03 -0.74
N DBU A 24 -2.15 -6.92 -0.01
CA DBU A 24 -1.36 -6.74 1.10
CB DBU A 24 -1.44 -7.43 2.26
CG DBU A 24 -2.41 -8.53 2.57
C DBU A 24 -0.30 -5.69 1.04
O DBU A 24 0.10 -5.15 2.06
H DBU A 24 -2.77 -6.21 -0.27
HB DBU A 24 -0.77 -7.20 3.08
HG1 DBU A 24 -2.66 -8.61 3.63
HG2 DBU A 24 -2.00 -9.49 2.25
HG3 DBU A 24 -3.35 -8.36 2.02
N CYS A 25 0.16 -5.39 -0.17
CA CYS A 25 1.19 -4.39 -0.36
C CYS A 25 0.58 -3.04 -0.74
N CYS A 26 1.42 -2.05 -0.97
CA CYS A 26 0.97 -0.71 -1.33
C CYS A 26 1.21 -0.44 -2.81
N SER A 27 2.28 -1.03 -3.35
CA SER A 27 2.62 -0.84 -4.75
C SER A 27 2.52 -2.15 -5.52
N LYS A 1 -17.26 -0.34 5.86
CA LYS A 1 -16.51 -0.15 4.63
C LYS A 1 -16.07 1.31 4.48
N LYS A 2 -14.76 1.52 4.44
CA LYS A 2 -14.21 2.86 4.29
C LYS A 2 -13.20 2.93 3.15
N LYS A 3 -13.38 3.90 2.27
CA LYS A 3 -12.48 4.07 1.13
C LYS A 3 -11.02 4.15 1.59
N SER A 4 -10.16 3.36 0.96
CA SER A 4 -8.75 3.34 1.29
C SER A 4 -8.55 2.89 2.74
N GLY A 5 -7.30 2.60 3.09
CA GLY A 5 -6.99 2.17 4.44
C GLY A 5 -5.82 1.21 4.50
N VAL A 6 -4.68 1.64 3.94
CA VAL A 6 -3.48 0.81 3.92
C VAL A 6 -2.32 1.53 4.60
N ILE A 7 -1.12 0.95 4.47
CA ILE A 7 0.07 1.53 5.07
C ILE A 7 1.28 1.38 4.16
N PRO A 8 2.02 2.48 3.97
CA PRO A 8 3.22 2.49 3.13
C PRO A 8 4.37 1.69 3.72
N DBB A 9 4.65 0.52 3.14
CA DBB A 9 5.73 -0.34 3.62
C DBB A 9 5.15 -1.65 4.09
O DBB A 9 5.63 -2.25 5.06
CB DBB A 9 6.72 -0.59 2.50
CG DBB A 9 7.42 -1.94 2.71
H DBB A 9 4.11 0.24 2.38
HA DBB A 9 6.23 0.14 4.46
HB2 DBB A 9 7.47 0.21 2.49
HG1 DBB A 9 8.37 -1.95 2.18
HG2 DBB A 9 7.58 -2.09 3.77
HG3 DBB A 9 6.77 -2.73 2.32
N VAL A 10 4.11 -2.11 3.39
CA VAL A 10 3.47 -3.37 3.74
C VAL A 10 3.67 -4.41 2.64
N DAL A 11 3.87 -3.94 1.41
CA DAL A 11 4.08 -4.84 0.27
CB DAL A 11 2.86 -5.73 0.09
C DAL A 11 5.30 -5.69 0.52
O DAL A 11 5.87 -5.68 1.61
H DAL A 11 3.87 -2.97 1.27
HA DAL A 11 4.25 -4.24 -0.63
HB1 DAL A 11 3.09 -6.53 -0.61
HB2 DAL A 11 2.56 -6.15 1.04
N HIS A 12 5.69 -6.46 -0.48
CA HIS A 12 6.84 -7.35 -0.36
C HIS A 12 8.08 -6.71 -0.99
N ASP A 13 7.87 -5.76 -1.90
CA ASP A 13 8.96 -5.07 -2.57
C ASP A 13 8.87 -3.57 -2.34
N CYS A 14 7.83 -3.15 -1.63
CA CYS A 14 7.63 -1.73 -1.34
C CYS A 14 8.90 -1.12 -0.73
N HIS A 15 9.31 0.02 -1.28
CA HIS A 15 10.50 0.71 -0.80
C HIS A 15 10.29 2.22 -0.76
N MET A 16 9.40 2.67 0.14
CA MET A 16 9.10 4.09 0.27
C MET A 16 8.54 4.65 -1.02
N ASN A 17 7.22 4.73 -1.10
CA ASN A 17 6.54 5.25 -2.29
C ASN A 17 5.13 5.71 -1.95
N DAL A 18 4.22 4.75 -1.81
CA DAL A 18 2.81 5.06 -1.49
CB DAL A 18 2.04 3.76 -1.27
C DAL A 18 2.20 5.83 -2.63
O DAL A 18 1.84 7.00 -2.48
H DAL A 18 4.49 3.82 -1.92
HA DAL A 18 2.78 5.67 -0.58
HB1 DAL A 18 1.22 3.93 -0.58
HB2 DAL A 18 1.65 3.41 -2.22
N PHE A 19 2.07 5.17 -3.78
CA PHE A 19 1.49 5.80 -4.96
C PHE A 19 0.11 5.22 -5.26
N GLN A 20 -0.05 3.93 -4.99
CA GLN A 20 -1.32 3.25 -5.23
C GLN A 20 -1.24 1.78 -4.84
N PHE A 21 -2.25 1.32 -4.12
CA PHE A 21 -2.30 -0.08 -3.68
C PHE A 21 -3.21 -0.91 -4.58
N VAL A 22 -2.60 -1.84 -5.31
CA VAL A 22 -3.36 -2.70 -6.21
C VAL A 22 -4.02 -3.85 -5.45
N PHE A 23 -3.55 -4.10 -4.24
CA PHE A 23 -4.08 -5.17 -3.41
C PHE A 23 -3.44 -5.16 -2.02
N DBU A 24 -3.09 -3.97 -1.55
CA DBU A 24 -2.52 -3.82 -0.32
CB DBU A 24 -3.10 -4.06 0.87
CG DBU A 24 -4.50 -4.51 1.10
C DBU A 24 -1.10 -3.38 -0.28
O DBU A 24 -0.71 -2.57 0.57
H DBU A 24 -3.26 -3.17 -2.09
HB DBU A 24 -2.53 -3.90 1.78
HG1 DBU A 24 -5.06 -4.70 0.17
HG2 DBU A 24 -5.05 -3.75 1.67
HG3 DBU A 24 -4.50 -5.43 1.69
N CYS A 25 -0.29 -3.89 -1.20
CA CYS A 25 1.12 -3.53 -1.27
C CYS A 25 1.30 -2.12 -1.83
N CYS A 26 2.50 -1.57 -1.66
CA CYS A 26 2.80 -0.23 -2.16
C CYS A 26 3.62 -0.29 -3.44
N SER A 27 3.74 0.85 -4.11
CA SER A 27 4.49 0.92 -5.36
C SER A 27 5.91 0.38 -5.17
N LYS A 1 -12.19 4.40 5.11
CA LYS A 1 -11.80 3.23 4.32
C LYS A 1 -12.03 3.48 2.83
N LYS A 2 -11.48 4.58 2.33
CA LYS A 2 -11.64 4.92 0.92
C LYS A 2 -10.32 5.46 0.34
N LYS A 3 -9.93 6.65 0.79
CA LYS A 3 -8.70 7.26 0.32
C LYS A 3 -7.51 6.31 0.48
N SER A 4 -7.47 5.62 1.62
CA SER A 4 -6.40 4.68 1.89
C SER A 4 -6.88 3.23 1.75
N GLY A 5 -6.17 2.45 0.94
CA GLY A 5 -6.54 1.06 0.72
C GLY A 5 -6.29 0.20 1.94
N VAL A 6 -5.07 0.26 2.46
CA VAL A 6 -4.70 -0.53 3.63
C VAL A 6 -3.62 0.18 4.46
N ILE A 7 -2.37 0.04 4.02
CA ILE A 7 -1.25 0.66 4.71
C ILE A 7 -0.17 1.11 3.72
N PRO A 8 0.19 2.40 3.79
CA PRO A 8 1.21 2.98 2.91
C PRO A 8 2.61 2.47 3.23
N DBB A 9 2.86 1.20 2.91
CA DBB A 9 4.17 0.58 3.17
C DBB A 9 3.98 -0.71 3.90
O DBB A 9 4.47 -0.89 5.02
CB DBB A 9 4.88 0.32 1.84
CG DBB A 9 3.87 0.42 0.70
H DBB A 9 2.16 0.66 2.49
HA DBB A 9 4.77 1.26 3.78
HB2 DBB A 9 5.32 -0.67 1.85
HG1 DBB A 9 4.34 0.09 -0.23
HG2 DBB A 9 3.01 -0.21 0.91
HG3 DBB A 9 3.55 1.46 0.59
N VAL A 10 3.26 -1.64 3.28
CA VAL A 10 3.00 -2.94 3.88
C VAL A 10 3.47 -4.07 2.98
N DAL A 11 3.72 -3.74 1.71
CA DAL A 11 4.18 -4.74 0.74
CB DAL A 11 3.16 -5.87 0.64
C DAL A 11 5.52 -5.30 1.18
O DAL A 11 5.63 -5.90 2.25
H DAL A 11 3.60 -2.81 1.43
HA DAL A 11 4.30 -4.26 -0.24
HB1 DAL A 11 3.67 -6.80 0.38
HB2 DAL A 11 2.66 -5.98 1.60
N HIS A 12 6.53 -5.09 0.36
CA HIS A 12 7.87 -5.58 0.67
C HIS A 12 8.94 -4.57 0.25
N ASP A 13 9.73 -4.12 1.21
CA ASP A 13 10.78 -3.14 0.95
C ASP A 13 10.19 -1.82 0.46
N CYS A 14 9.22 -1.30 1.21
CA CYS A 14 8.57 -0.05 0.86
C CYS A 14 9.60 1.03 0.56
N HIS A 15 9.24 1.97 -0.33
CA HIS A 15 10.13 3.05 -0.71
C HIS A 15 9.37 4.35 -0.86
N MET A 16 8.52 4.66 0.12
CA MET A 16 7.73 5.88 0.09
C MET A 16 6.71 5.84 -1.05
N ASN A 17 5.47 5.51 -0.72
CA ASN A 17 4.41 5.44 -1.72
C ASN A 17 3.08 5.04 -1.08
N DAL A 18 2.08 4.77 -1.91
CA DAL A 18 0.75 4.37 -1.41
CB DAL A 18 0.64 2.85 -1.43
C DAL A 18 -0.31 4.96 -2.30
O DAL A 18 -0.99 5.90 -1.92
H DAL A 18 2.24 4.84 -2.87
HA DAL A 18 0.62 4.74 -0.40
HB1 DAL A 18 0.98 2.45 -0.47
HB2 DAL A 18 -0.39 2.56 -1.59
N PHE A 19 -0.45 4.40 -3.50
CA PHE A 19 -1.44 4.88 -4.46
C PHE A 19 -2.61 3.91 -4.56
N GLN A 20 -2.32 2.61 -4.41
CA GLN A 20 -3.34 1.59 -4.49
C GLN A 20 -2.74 0.20 -4.28
N PHE A 21 -3.59 -0.77 -3.95
CA PHE A 21 -3.14 -2.14 -3.73
C PHE A 21 -3.75 -3.09 -4.74
N VAL A 22 -3.09 -4.22 -4.96
CA VAL A 22 -3.57 -5.22 -5.91
C VAL A 22 -3.83 -6.56 -5.22
N PHE A 23 -3.23 -6.73 -4.05
CA PHE A 23 -3.39 -7.97 -3.29
C PHE A 23 -2.70 -7.86 -1.93
N DBU A 24 -2.67 -6.65 -1.37
CA DBU A 24 -2.09 -6.43 -0.16
CB DBU A 24 -2.41 -7.00 1.01
CG DBU A 24 -3.50 -8.00 1.23
C DBU A 24 -0.96 -5.46 -0.11
O DBU A 24 -0.86 -4.66 0.82
H DBU A 24 -3.09 -5.90 -1.84
HB DBU A 24 -1.87 -6.75 1.91
HG1 DBU A 24 -4.05 -7.86 2.16
HG2 DBU A 24 -3.08 -9.01 1.25
HG3 DBU A 24 -4.23 -7.95 0.41
N CYS A 25 -0.09 -5.51 -1.12
CA CYS A 25 1.05 -4.61 -1.19
C CYS A 25 0.72 -3.36 -2.00
N CYS A 26 1.60 -2.37 -1.94
CA CYS A 26 1.40 -1.12 -2.66
C CYS A 26 1.99 -1.20 -4.06
N SER A 27 1.48 -2.13 -4.87
CA SER A 27 1.96 -2.30 -6.24
C SER A 27 1.33 -1.28 -7.17
N LYS A 1 -12.21 2.01 -5.63
CA LYS A 1 -10.94 2.54 -5.15
C LYS A 1 -11.09 3.07 -3.72
N LYS A 2 -10.37 2.46 -2.79
CA LYS A 2 -10.42 2.87 -1.39
C LYS A 2 -9.09 3.50 -0.97
N LYS A 3 -9.18 4.61 -0.25
CA LYS A 3 -7.98 5.30 0.23
C LYS A 3 -7.04 4.35 0.96
N SER A 4 -7.61 3.54 1.85
CA SER A 4 -6.82 2.58 2.61
C SER A 4 -5.74 3.29 3.42
N GLY A 5 -4.86 2.50 4.04
CA GLY A 5 -3.79 3.06 4.83
C GLY A 5 -3.39 2.18 6.00
N VAL A 6 -2.99 0.95 5.69
CA VAL A 6 -2.59 0.00 6.73
C VAL A 6 -1.13 0.19 7.10
N ILE A 7 -0.23 -0.34 6.28
CA ILE A 7 1.20 -0.23 6.52
C ILE A 7 1.96 -0.02 5.22
N PRO A 8 2.40 1.23 4.98
CA PRO A 8 3.16 1.59 3.78
C PRO A 8 4.56 0.99 3.78
N DBB A 9 4.69 -0.23 3.25
CA DBB A 9 5.98 -0.92 3.19
C DBB A 9 5.80 -2.37 3.54
O DBB A 9 6.61 -2.95 4.28
CB DBB A 9 6.54 -0.81 1.77
CG DBB A 9 6.02 0.46 1.10
H DBB A 9 3.88 -0.68 2.90
HA DBB A 9 6.67 -0.45 3.89
HB2 DBB A 9 6.24 -1.68 1.19
HG1 DBB A 9 6.17 1.31 1.77
HG2 DBB A 9 6.54 0.62 0.16
HG3 DBB A 9 4.95 0.36 0.91
N VAL A 10 4.73 -2.97 3.04
CA VAL A 10 4.43 -4.37 3.31
C VAL A 10 4.24 -5.15 2.02
N DAL A 11 4.06 -4.43 0.92
CA DAL A 11 3.85 -5.06 -0.40
CB DAL A 11 2.64 -5.99 -0.33
C DAL A 11 5.08 -5.85 -0.77
O DAL A 11 5.86 -6.26 0.10
H DAL A 11 4.05 -3.46 0.99
HA DAL A 11 3.68 -4.29 -1.15
HB1 DAL A 11 2.77 -6.80 -1.04
HB2 DAL A 11 2.55 -6.41 0.67
N HIS A 12 5.26 -6.09 -2.06
CA HIS A 12 6.40 -6.85 -2.55
C HIS A 12 7.50 -5.91 -3.03
N ASP A 13 7.11 -4.70 -3.43
CA ASP A 13 8.07 -3.71 -3.92
C ASP A 13 7.99 -2.43 -3.10
N CYS A 14 8.22 -2.56 -1.79
CA CYS A 14 8.16 -1.40 -0.90
C CYS A 14 8.88 -0.21 -1.52
N HIS A 15 8.10 0.83 -1.83
CA HIS A 15 8.66 2.03 -2.43
C HIS A 15 8.10 3.29 -1.75
N MET A 16 6.83 3.58 -2.00
CA MET A 16 6.18 4.73 -1.40
C MET A 16 4.73 4.86 -1.87
N ASN A 17 4.12 6.00 -1.60
CA ASN A 17 2.73 6.23 -1.99
C ASN A 17 1.78 5.30 -1.24
N DAL A 18 1.80 5.40 0.08
CA DAL A 18 0.94 4.55 0.92
CB DAL A 18 1.01 3.10 0.44
C DAL A 18 -0.49 5.05 0.83
O DAL A 18 -1.05 5.55 1.80
H DAL A 18 2.40 6.03 0.51
HA DAL A 18 1.27 4.61 1.96
HB1 DAL A 18 0.88 2.43 1.29
HB2 DAL A 18 0.22 2.91 -0.28
N PHE A 19 -1.07 4.89 -0.35
CA PHE A 19 -2.45 5.32 -0.58
C PHE A 19 -3.16 4.41 -1.58
N GLN A 20 -2.99 3.11 -1.41
CA GLN A 20 -3.61 2.13 -2.29
C GLN A 20 -3.24 0.70 -1.87
N PHE A 21 -4.25 -0.08 -1.50
CA PHE A 21 -4.04 -1.46 -1.08
C PHE A 21 -4.93 -2.41 -1.86
N VAL A 22 -4.39 -3.01 -2.91
CA VAL A 22 -5.13 -3.95 -3.74
C VAL A 22 -5.23 -5.32 -3.08
N PHE A 23 -4.39 -5.54 -2.06
CA PHE A 23 -4.38 -6.80 -1.34
C PHE A 23 -3.42 -6.75 -0.16
N DBU A 24 -3.28 -5.57 0.43
CA DBU A 24 -2.45 -5.40 1.50
CB DBU A 24 -2.65 -5.84 2.75
CG DBU A 24 -3.82 -6.62 3.24
C DBU A 24 -1.19 -4.64 1.26
O DBU A 24 -0.57 -4.13 2.21
H DBU A 24 -3.80 -4.80 0.09
HB DBU A 24 -1.90 -5.64 3.53
HG1 DBU A 24 -4.39 -7.10 2.44
HG2 DBU A 24 -4.50 -5.95 3.78
HG3 DBU A 24 -3.49 -7.40 3.93
N CYS A 25 -0.77 -4.56 0.01
CA CYS A 25 0.44 -3.84 -0.36
C CYS A 25 0.20 -2.34 -0.43
N CYS A 26 1.27 -1.58 -0.61
CA CYS A 26 1.17 -0.13 -0.70
C CYS A 26 1.31 0.34 -2.14
N SER A 27 0.49 1.30 -2.53
CA SER A 27 0.52 1.84 -3.88
C SER A 27 -0.19 3.19 -3.96
N LYS A 1 -15.58 3.15 0.13
CA LYS A 1 -14.29 3.07 0.79
C LYS A 1 -13.17 2.82 -0.24
N LYS A 2 -13.05 3.74 -1.20
CA LYS A 2 -12.03 3.63 -2.23
C LYS A 2 -10.66 3.98 -1.67
N LYS A 3 -10.54 5.15 -1.05
CA LYS A 3 -9.28 5.60 -0.48
C LYS A 3 -8.70 4.53 0.45
N SER A 4 -7.37 4.46 0.49
CA SER A 4 -6.69 3.49 1.33
C SER A 4 -5.32 4.01 1.77
N GLY A 5 -4.92 3.65 2.99
CA GLY A 5 -3.64 4.09 3.50
C GLY A 5 -3.20 3.30 4.72
N VAL A 6 -3.20 1.97 4.58
CA VAL A 6 -2.80 1.10 5.68
C VAL A 6 -1.45 1.52 6.25
N ILE A 7 -0.37 1.10 5.58
CA ILE A 7 0.97 1.44 6.03
C ILE A 7 1.90 1.67 4.84
N PRO A 8 2.42 2.90 4.72
CA PRO A 8 3.33 3.27 3.64
C PRO A 8 4.70 2.60 3.76
N DBB A 9 4.76 1.32 3.38
CA DBB A 9 6.02 0.56 3.45
C DBB A 9 5.74 -0.83 3.95
O DBB A 9 6.34 -1.28 4.91
CB DBB A 9 6.65 0.49 2.06
CG DBB A 9 7.63 -0.68 2.01
H DBB A 9 3.96 0.88 3.03
HA DBB A 9 6.71 1.06 4.13
HB2 DBB A 9 7.18 1.42 1.84
HG1 DBB A 9 8.35 -0.53 1.19
HG2 DBB A 9 8.18 -0.74 2.95
HG3 DBB A 9 7.09 -1.61 1.84
N VAL A 10 4.79 -1.50 3.29
CA VAL A 10 4.42 -2.86 3.68
C VAL A 10 4.13 -3.72 2.45
N DAL A 11 5.14 -4.48 2.02
CA DAL A 11 5.00 -5.36 0.86
CB DAL A 11 4.11 -6.56 1.22
C DAL A 11 6.35 -5.84 0.43
O DAL A 11 7.10 -6.40 1.22
H DAL A 11 5.99 -4.45 2.51
HA DAL A 11 4.53 -4.80 0.04
HB1 DAL A 11 3.92 -7.15 0.33
HB2 DAL A 11 4.62 -7.16 1.97
N HIS A 12 6.68 -5.64 -0.85
CA HIS A 12 7.96 -6.06 -1.39
C HIS A 12 8.52 -5.03 -2.36
N ASP A 13 7.64 -4.47 -3.19
CA ASP A 13 8.04 -3.46 -4.16
C ASP A 13 7.54 -2.08 -3.75
N CYS A 14 7.22 -1.93 -2.46
CA CYS A 14 6.72 -0.66 -1.94
C CYS A 14 7.88 0.31 -1.68
N HIS A 15 7.77 1.52 -2.23
CA HIS A 15 8.80 2.53 -2.06
C HIS A 15 8.30 3.67 -1.17
N MET A 16 7.80 3.31 0.01
CA MET A 16 7.28 4.31 0.95
C MET A 16 6.29 5.24 0.26
N ASN A 17 5.02 4.83 0.25
CA ASN A 17 3.97 5.63 -0.36
C ASN A 17 2.59 5.11 0.03
N DAL A 18 2.19 4.00 -0.58
CA DAL A 18 0.89 3.38 -0.30
CB DAL A 18 0.97 1.87 -0.52
C DAL A 18 -0.14 3.97 -1.21
O DAL A 18 -1.02 4.72 -0.79
H DAL A 18 2.79 3.56 -1.23
HA DAL A 18 0.62 3.59 0.74
HB1 DAL A 18 0.86 1.36 0.44
HB2 DAL A 18 0.18 1.56 -1.19
N PHE A 19 -0.06 3.63 -2.49
CA PHE A 19 -1.00 4.13 -3.49
C PHE A 19 -2.28 3.29 -3.50
N GLN A 20 -2.14 2.01 -3.20
CA GLN A 20 -3.29 1.11 -3.17
C GLN A 20 -2.84 -0.31 -2.79
N PHE A 21 -3.51 -0.88 -1.78
CA PHE A 21 -3.19 -2.22 -1.32
C PHE A 21 -4.17 -3.24 -1.89
N VAL A 22 -3.63 -4.21 -2.63
CA VAL A 22 -4.45 -5.25 -3.23
C VAL A 22 -4.84 -6.32 -2.22
N PHE A 23 -3.86 -7.15 -1.85
CA PHE A 23 -4.10 -8.22 -0.89
C PHE A 23 -3.50 -7.86 0.47
N DBU A 24 -3.24 -6.58 0.68
CA DBU A 24 -2.70 -6.14 1.85
CB DBU A 24 -3.17 -6.36 3.09
CG DBU A 24 -4.41 -7.14 3.44
C DBU A 24 -1.45 -5.33 1.77
O DBU A 24 -1.31 -4.32 2.46
H DBU A 24 -3.43 -5.93 -0.03
HB DBU A 24 -2.65 -5.95 3.95
HG1 DBU A 24 -4.20 -8.19 3.65
HG2 DBU A 24 -5.12 -7.09 2.61
HG3 DBU A 24 -4.88 -6.70 4.32
N CYS A 25 -0.52 -5.76 0.93
CA CYS A 25 0.75 -5.06 0.76
C CYS A 25 0.57 -3.80 -0.09
N CYS A 26 1.66 -3.09 -0.33
CA CYS A 26 1.62 -1.86 -1.12
C CYS A 26 2.37 -2.05 -2.44
N SER A 27 1.75 -1.58 -3.52
CA SER A 27 2.36 -1.69 -4.84
C SER A 27 2.74 -0.32 -5.39
N LYS A 1 -15.31 3.18 -3.67
CA LYS A 1 -14.14 2.61 -3.00
C LYS A 1 -14.12 2.99 -1.52
N LYS A 2 -13.62 2.08 -0.68
CA LYS A 2 -13.54 2.32 0.75
C LYS A 2 -12.12 2.70 1.16
N LYS A 3 -11.15 2.10 0.50
CA LYS A 3 -9.74 2.36 0.79
C LYS A 3 -9.40 1.96 2.22
N SER A 4 -8.13 2.11 2.58
CA SER A 4 -7.67 1.76 3.92
C SER A 4 -6.30 2.36 4.21
N GLY A 5 -5.84 2.23 5.45
CA GLY A 5 -4.55 2.77 5.82
C GLY A 5 -3.75 1.81 6.67
N VAL A 6 -3.63 0.56 6.21
CA VAL A 6 -2.89 -0.46 6.94
C VAL A 6 -1.47 0.01 7.26
N ILE A 7 -0.58 -0.17 6.29
CA ILE A 7 0.82 0.24 6.46
C ILE A 7 1.40 0.74 5.15
N PRO A 8 1.70 2.05 5.09
CA PRO A 8 2.28 2.68 3.90
C PRO A 8 3.72 2.24 3.66
N DBB A 9 3.88 1.04 3.13
CA DBB A 9 5.22 0.50 2.85
C DBB A 9 5.33 -0.90 3.40
O DBB A 9 6.03 -1.12 4.39
CB DBB A 9 5.43 0.45 1.33
CG DBB A 9 5.03 1.80 0.72
H DBB A 9 3.09 0.48 2.93
HA DBB A 9 5.97 1.14 3.30
HB2 DBB A 9 4.83 -0.35 0.89
HG1 DBB A 9 5.58 2.60 1.20
HG2 DBB A 9 5.23 1.79 -0.35
HG3 DBB A 9 3.96 1.95 0.87
N VAL A 10 4.63 -1.84 2.78
CA VAL A 10 4.66 -3.23 3.22
C VAL A 10 5.09 -4.16 2.10
N DAL A 11 4.12 -4.72 1.39
CA DAL A 11 4.39 -5.64 0.28
CB DAL A 11 3.16 -6.49 -0.01
C DAL A 11 5.55 -6.53 0.65
O DAL A 11 5.75 -6.86 1.82
H DAL A 11 3.19 -4.52 1.62
HA DAL A 11 4.66 -5.06 -0.61
HB1 DAL A 11 2.26 -5.91 0.21
HB2 DAL A 11 3.16 -6.79 -1.05
N HIS A 12 6.33 -6.93 -0.36
CA HIS A 12 7.49 -7.80 -0.14
C HIS A 12 8.77 -6.99 -0.10
N ASP A 13 8.81 -5.92 -0.88
CA ASP A 13 9.99 -5.06 -0.94
C ASP A 13 9.64 -3.62 -0.53
N CYS A 14 8.69 -3.02 -1.25
CA CYS A 14 8.27 -1.66 -0.98
C CYS A 14 9.42 -0.68 -1.19
N HIS A 15 9.08 0.53 -1.64
CA HIS A 15 10.08 1.57 -1.89
C HIS A 15 9.67 2.88 -1.25
N MET A 16 8.41 3.26 -1.45
CA MET A 16 7.89 4.51 -0.89
C MET A 16 6.39 4.62 -1.11
N ASN A 17 5.83 5.79 -0.82
CA ASN A 17 4.40 6.03 -1.00
C ASN A 17 3.59 5.15 -0.05
N DAL A 18 2.28 5.08 -0.29
CA DAL A 18 1.38 4.26 0.54
CB DAL A 18 1.21 2.89 -0.10
C DAL A 18 0.05 4.94 0.65
O DAL A 18 -0.31 5.47 1.70
H DAL A 18 1.91 5.58 -1.05
HA DAL A 18 1.82 4.16 1.53
HB1 DAL A 18 1.81 2.15 0.44
HB2 DAL A 18 0.16 2.60 -0.05
N PHE A 19 -0.70 4.94 -0.45
CA PHE A 19 -2.02 5.57 -0.48
C PHE A 19 -3.01 4.73 -1.27
N GLN A 20 -2.81 3.40 -1.25
CA GLN A 20 -3.68 2.49 -1.98
C GLN A 20 -3.25 1.05 -1.77
N PHE A 21 -4.18 0.20 -1.32
CA PHE A 21 -3.90 -1.20 -1.09
C PHE A 21 -4.74 -2.10 -1.99
N VAL A 22 -4.19 -2.43 -3.15
CA VAL A 22 -4.89 -3.27 -4.12
C VAL A 22 -4.79 -4.74 -3.73
N PHE A 23 -3.72 -5.09 -3.02
CA PHE A 23 -3.51 -6.47 -2.58
C PHE A 23 -2.67 -6.50 -1.31
N DBU A 24 -2.63 -5.39 -0.60
CA DBU A 24 -1.91 -5.31 0.56
CB DBU A 24 -2.31 -5.65 1.79
CG DBU A 24 -3.66 -6.21 2.15
C DBU A 24 -0.52 -4.77 0.47
O DBU A 24 0.28 -4.89 1.40
H DBU A 24 -3.12 -4.61 -0.91
HB DBU A 24 -1.65 -5.53 2.64
HG1 DBU A 24 -4.08 -6.86 1.38
HG2 DBU A 24 -4.36 -5.39 2.33
HG3 DBU A 24 -3.57 -6.80 3.07
N CYS A 25 -0.19 -4.15 -0.68
CA CYS A 25 1.12 -3.59 -0.90
C CYS A 25 1.03 -2.19 -1.50
N CYS A 26 2.15 -1.69 -1.99
CA CYS A 26 2.19 -0.36 -2.61
C CYS A 26 3.21 -0.31 -3.75
N SER A 27 2.81 0.29 -4.85
CA SER A 27 3.69 0.40 -6.02
C SER A 27 3.36 1.64 -6.83
N LYS A 1 -10.87 10.26 1.86
CA LYS A 1 -11.69 9.92 0.71
C LYS A 1 -11.21 8.62 0.07
N LYS A 2 -10.60 7.75 0.87
CA LYS A 2 -10.10 6.47 0.38
C LYS A 2 -9.62 5.60 1.53
N LYS A 3 -8.87 6.20 2.46
CA LYS A 3 -8.36 5.47 3.61
C LYS A 3 -7.44 4.34 3.18
N SER A 4 -6.83 3.67 4.15
CA SER A 4 -5.92 2.57 3.86
C SER A 4 -6.58 1.23 4.17
N GLY A 5 -6.18 0.20 3.42
CA GLY A 5 -6.75 -1.12 3.63
C GLY A 5 -6.04 -1.89 4.74
N VAL A 6 -4.73 -1.70 4.83
CA VAL A 6 -3.94 -2.38 5.85
C VAL A 6 -2.81 -1.49 6.35
N ILE A 7 -1.69 -1.48 5.62
CA ILE A 7 -0.55 -0.66 5.99
C ILE A 7 0.16 -0.11 4.76
N PRO A 8 0.04 1.21 4.54
CA PRO A 8 0.66 1.88 3.40
C PRO A 8 2.18 1.94 3.52
N DBB A 9 2.86 1.06 2.79
CA DBB A 9 4.33 1.02 2.81
C DBB A 9 4.78 -0.24 3.52
O DBB A 9 5.36 -0.18 4.61
CB DBB A 9 4.86 1.01 1.38
CG DBB A 9 4.02 1.97 0.52
H DBB A 9 2.37 0.43 2.22
HA DBB A 9 4.71 1.89 3.34
HB2 DBB A 9 4.80 0.01 0.97
HG1 DBB A 9 3.59 2.74 1.16
HG2 DBB A 9 4.66 2.43 -0.23
HG3 DBB A 9 3.23 1.40 0.03
N VAL A 10 4.52 -1.39 2.91
CA VAL A 10 4.90 -2.66 3.48
C VAL A 10 5.51 -3.58 2.43
N DAL A 11 4.67 -4.34 1.73
CA DAL A 11 5.13 -5.26 0.68
CB DAL A 11 4.17 -6.44 0.58
C DAL A 11 6.50 -5.77 1.04
O DAL A 11 6.77 -6.15 2.18
H DAL A 11 3.70 -4.27 1.92
HA DAL A 11 5.17 -4.74 -0.27
HB1 DAL A 11 3.14 -6.07 0.64
HB2 DAL A 11 4.31 -6.94 -0.37
N HIS A 12 7.40 -5.76 0.05
CA HIS A 12 8.77 -6.22 0.27
C HIS A 12 9.76 -5.06 0.16
N ASP A 13 9.46 -4.12 -0.72
CA ASP A 13 10.31 -2.95 -0.92
C ASP A 13 9.62 -1.68 -0.47
N CYS A 14 8.44 -1.43 -1.03
CA CYS A 14 7.66 -0.24 -0.69
C CYS A 14 8.40 1.02 -1.10
N HIS A 15 7.66 2.01 -1.60
CA HIS A 15 8.24 3.27 -2.02
C HIS A 15 7.66 4.44 -1.23
N MET A 16 6.41 4.78 -1.52
CA MET A 16 5.74 5.87 -0.84
C MET A 16 4.31 6.03 -1.34
N ASN A 17 3.47 5.02 -1.08
CA ASN A 17 2.08 5.05 -1.50
C ASN A 17 1.21 4.18 -0.60
N DAL A 18 -0.02 3.93 -1.02
CA DAL A 18 -0.96 3.10 -0.24
CB DAL A 18 -0.76 1.63 -0.62
C DAL A 18 -2.37 3.53 -0.54
O DAL A 18 -3.03 4.14 0.29
H DAL A 18 -0.32 4.30 -1.88
HA DAL A 18 -0.75 3.24 0.82
HB1 DAL A 18 -0.03 1.17 0.04
HB2 DAL A 18 -1.73 1.11 -0.51
N PHE A 19 -2.84 3.19 -1.73
CA PHE A 19 -4.19 3.54 -2.15
C PHE A 19 -5.07 2.30 -2.25
N GLN A 20 -4.44 1.15 -2.49
CA GLN A 20 -5.16 -0.11 -2.61
C GLN A 20 -4.20 -1.29 -2.56
N PHE A 21 -4.68 -2.41 -2.02
CA PHE A 21 -3.87 -3.61 -1.90
C PHE A 21 -4.35 -4.69 -2.88
N VAL A 22 -3.40 -5.37 -3.52
CA VAL A 22 -3.72 -6.42 -4.47
C VAL A 22 -3.40 -7.80 -3.91
N PHE A 23 -2.48 -7.83 -2.95
CA PHE A 23 -2.07 -9.08 -2.31
C PHE A 23 -1.28 -8.82 -1.04
N DBU A 24 -1.54 -7.68 -0.41
CA DBU A 24 -0.89 -7.33 0.74
CB DBU A 24 -1.13 -7.81 1.98
CG DBU A 24 -2.17 -8.82 2.35
C DBU A 24 0.19 -6.33 0.64
O DBU A 24 0.90 -6.05 1.62
H DBU A 24 -2.23 -7.08 -0.77
HB DBU A 24 -0.55 -7.45 2.83
HG1 DBU A 24 -2.02 -9.79 1.88
HG2 DBU A 24 -3.16 -8.45 2.06
HG3 DBU A 24 -2.17 -8.97 3.44
N CYS A 25 0.36 -5.76 -0.55
CA CYS A 25 1.40 -4.76 -0.79
C CYS A 25 0.82 -3.55 -1.50
N CYS A 26 1.70 -2.67 -1.98
CA CYS A 26 1.28 -1.46 -2.68
C CYS A 26 2.28 -1.09 -3.77
N SER A 27 1.80 -0.46 -4.83
CA SER A 27 2.65 -0.05 -5.93
C SER A 27 3.33 -1.26 -6.58
N LYS A 1 -14.61 2.16 -1.28
CA LYS A 1 -13.98 3.44 -1.64
C LYS A 1 -13.84 4.34 -0.41
N LYS A 2 -13.00 3.93 0.53
CA LYS A 2 -12.77 4.69 1.74
C LYS A 2 -11.30 5.09 1.87
N LYS A 3 -11.00 5.91 2.87
CA LYS A 3 -9.64 6.37 3.10
C LYS A 3 -8.67 5.18 3.16
N SER A 4 -7.83 5.05 2.14
CA SER A 4 -6.86 3.96 2.08
C SER A 4 -5.63 4.29 2.91
N GLY A 5 -4.61 3.44 2.81
CA GLY A 5 -3.38 3.65 3.56
C GLY A 5 -3.24 2.67 4.71
N VAL A 6 -3.50 1.39 4.44
CA VAL A 6 -3.39 0.36 5.46
C VAL A 6 -2.05 0.43 6.19
N ILE A 7 -1.01 -0.08 5.55
CA ILE A 7 0.32 -0.07 6.13
C ILE A 7 1.39 0.15 5.06
N PRO A 8 2.01 1.34 5.09
CA PRO A 8 3.06 1.71 4.13
C PRO A 8 4.35 0.92 4.35
N DBB A 9 4.58 -0.07 3.50
CA DBB A 9 5.79 -0.91 3.60
C DBB A 9 5.39 -2.31 3.97
O DBB A 9 6.18 -3.06 4.54
CB DBB A 9 6.52 -0.92 2.26
CG DBB A 9 5.56 -1.41 1.16
H DBB A 9 3.94 -0.25 2.78
HA DBB A 9 6.44 -0.50 4.37
HB2 DBB A 9 7.37 -1.59 2.31
HG1 DBB A 9 5.97 -2.32 0.71
HG2 DBB A 9 4.59 -1.64 1.60
HG3 DBB A 9 5.45 -0.64 0.41
N VAL A 10 4.15 -2.68 3.65
CA VAL A 10 3.65 -4.01 3.95
C VAL A 10 3.95 -4.99 2.81
N DAL A 11 4.08 -4.45 1.61
CA DAL A 11 4.37 -5.27 0.42
CB DAL A 11 3.30 -6.36 0.30
C DAL A 11 5.72 -5.92 0.57
O DAL A 11 6.25 -6.01 1.68
H DAL A 11 3.99 -3.48 1.51
HA DAL A 11 4.36 -4.64 -0.46
HB1 DAL A 11 2.32 -5.93 0.52
HB2 DAL A 11 3.29 -6.74 -0.73
N HIS A 12 6.28 -6.37 -0.54
CA HIS A 12 7.59 -7.01 -0.53
C HIS A 12 8.63 -6.13 -1.22
N ASP A 13 8.16 -5.24 -2.09
CA ASP A 13 9.06 -4.34 -2.81
C ASP A 13 9.20 -3.02 -2.08
N CYS A 14 8.13 -2.24 -2.04
CA CYS A 14 8.13 -0.94 -1.37
C CYS A 14 9.12 0.01 -2.05
N HIS A 15 8.57 1.00 -2.76
CA HIS A 15 9.39 1.98 -3.46
C HIS A 15 8.85 3.39 -3.23
N MET A 16 8.19 3.60 -2.09
CA MET A 16 7.64 4.91 -1.76
C MET A 16 6.53 5.28 -2.72
N ASN A 17 5.31 5.35 -2.21
CA ASN A 17 4.14 5.71 -3.04
C ASN A 17 2.88 5.74 -2.20
N DAL A 18 2.37 4.58 -1.85
CA DAL A 18 1.14 4.47 -1.04
CB DAL A 18 0.73 3.01 -0.93
C DAL A 18 0.04 5.26 -1.69
O DAL A 18 -0.35 6.33 -1.22
H DAL A 18 2.82 3.75 -2.13
HA DAL A 18 1.33 4.87 -0.05
HB1 DAL A 18 1.24 2.55 -0.08
HB2 DAL A 18 -0.35 2.95 -0.76
N PHE A 19 -0.46 4.74 -2.81
CA PHE A 19 -1.54 5.41 -3.54
C PHE A 19 -2.77 4.51 -3.64
N GLN A 20 -2.55 3.20 -3.48
CA GLN A 20 -3.65 2.24 -3.57
C GLN A 20 -3.13 0.82 -3.34
N PHE A 21 -3.90 0.02 -2.63
CA PHE A 21 -3.52 -1.37 -2.34
C PHE A 21 -4.23 -2.33 -3.30
N VAL A 22 -3.45 -2.98 -4.16
CA VAL A 22 -4.00 -3.92 -5.12
C VAL A 22 -4.28 -5.27 -4.46
N PHE A 23 -3.60 -5.54 -3.37
CA PHE A 23 -3.78 -6.79 -2.64
C PHE A 23 -3.03 -6.76 -1.31
N DBU A 24 -3.10 -5.63 -0.62
CA DBU A 24 -2.48 -5.48 0.57
CB DBU A 24 -3.03 -5.63 1.80
CG DBU A 24 -4.44 -5.99 2.09
C DBU A 24 -1.03 -5.11 0.56
O DBU A 24 -0.33 -5.26 1.56
H DBU A 24 -3.61 -4.87 -0.99
HB DBU A 24 -2.42 -5.49 2.69
HG1 DBU A 24 -5.10 -5.94 1.20
HG2 DBU A 24 -4.85 -5.32 2.85
HG3 DBU A 24 -4.50 -7.02 2.48
N CYS A 25 -0.56 -4.62 -0.58
CA CYS A 25 0.83 -4.23 -0.73
C CYS A 25 0.94 -2.77 -1.19
N CYS A 26 1.71 -1.98 -0.45
CA CYS A 26 1.89 -0.57 -0.79
C CYS A 26 2.82 0.10 0.21
N SER A 27 3.61 1.06 -0.27
CA SER A 27 4.56 1.79 0.57
C SER A 27 3.86 2.91 1.33
N LYS A 1 -7.35 8.57 2.24
CA LYS A 1 -7.73 9.34 3.41
C LYS A 1 -8.75 8.59 4.26
N LYS A 2 -8.89 9.01 5.51
CA LYS A 2 -9.83 8.37 6.43
C LYS A 2 -9.36 6.96 6.79
N LYS A 3 -9.53 6.03 5.86
CA LYS A 3 -9.11 4.64 6.09
C LYS A 3 -9.39 3.79 4.86
N SER A 4 -9.03 2.52 4.93
CA SER A 4 -9.24 1.59 3.82
C SER A 4 -8.97 0.16 4.25
N GLY A 5 -9.07 -0.77 3.30
CA GLY A 5 -8.84 -2.17 3.60
C GLY A 5 -7.38 -2.48 3.79
N VAL A 6 -6.55 -2.05 2.85
CA VAL A 6 -5.11 -2.29 2.91
C VAL A 6 -4.36 -1.02 3.27
N ILE A 7 -3.03 -1.06 3.16
CA ILE A 7 -2.19 0.08 3.46
C ILE A 7 -1.05 0.21 2.47
N PRO A 8 -1.04 1.33 1.72
CA PRO A 8 0.00 1.60 0.71
C PRO A 8 1.35 1.90 1.35
N DBB A 9 2.26 0.93 1.28
CA DBB A 9 3.60 1.09 1.86
C DBB A 9 3.83 0.05 2.92
O DBB A 9 4.45 0.32 3.95
CB DBB A 9 4.65 0.93 0.76
CG DBB A 9 4.14 1.58 -0.53
H DBB A 9 2.03 0.09 0.84
HA DBB A 9 3.69 2.08 2.30
HB2 DBB A 9 4.83 -0.13 0.58
HG1 DBB A 9 4.99 1.79 -1.19
HG2 DBB A 9 3.45 0.90 -1.04
HG3 DBB A 9 3.63 2.51 -0.29
N VAL A 10 3.31 -1.15 2.68
CA VAL A 10 3.46 -2.25 3.64
C VAL A 10 4.14 -3.44 2.99
N DAL A 11 4.38 -3.36 1.68
CA DAL A 11 5.03 -4.44 0.94
CB DAL A 11 4.25 -5.74 1.15
C DAL A 11 6.45 -4.62 1.44
O DAL A 11 6.70 -4.57 2.64
H DAL A 11 4.12 -2.54 1.21
HA DAL A 11 5.05 -4.19 -0.13
HB1 DAL A 11 4.58 -6.48 0.42
HB2 DAL A 11 4.44 -6.11 2.16
N HIS A 12 7.37 -4.82 0.51
CA HIS A 12 8.78 -5.01 0.86
C HIS A 12 9.56 -3.71 0.66
N ASP A 13 9.54 -2.86 1.68
CA ASP A 13 10.26 -1.59 1.62
C ASP A 13 9.62 -0.65 0.58
N CYS A 14 9.41 0.59 0.97
CA CYS A 14 8.81 1.58 0.08
C CYS A 14 8.96 2.99 0.64
N HIS A 15 8.99 3.97 -0.25
CA HIS A 15 9.13 5.37 0.17
C HIS A 15 7.80 6.10 0.06
N MET A 16 7.34 6.32 -1.16
CA MET A 16 6.07 7.00 -1.39
C MET A 16 5.35 6.42 -2.60
N ASN A 17 4.41 5.52 -2.34
CA ASN A 17 3.64 4.89 -3.41
C ASN A 17 2.28 4.41 -2.90
N DAL A 18 1.60 3.62 -3.72
CA DAL A 18 0.28 3.10 -3.35
CB DAL A 18 0.38 1.60 -3.07
C DAL A 18 -0.70 3.33 -4.48
O DAL A 18 -1.59 4.17 -4.38
H DAL A 18 1.98 3.39 -4.59
HA DAL A 18 -0.08 3.61 -2.46
HB1 DAL A 18 0.36 1.43 -2.00
HB2 DAL A 18 -0.46 1.09 -3.54
N PHE A 19 -0.52 2.59 -5.57
CA PHE A 19 -1.39 2.72 -6.74
C PHE A 19 -2.48 1.64 -6.72
N GLN A 20 -2.12 0.45 -6.25
CA GLN A 20 -3.06 -0.65 -6.19
C GLN A 20 -2.40 -1.90 -5.61
N PHE A 21 -3.16 -2.66 -4.83
CA PHE A 21 -2.64 -3.88 -4.22
C PHE A 21 -3.08 -5.11 -5.00
N VAL A 22 -2.11 -5.92 -5.42
CA VAL A 22 -2.39 -7.13 -6.17
C VAL A 22 -2.78 -8.27 -5.26
N PHE A 23 -1.90 -8.63 -4.33
CA PHE A 23 -2.16 -9.70 -3.39
C PHE A 23 -2.02 -9.22 -1.95
N DBU A 24 -2.18 -7.91 -1.76
CA DBU A 24 -2.09 -7.35 -0.52
CB DBU A 24 -2.76 -7.72 0.59
CG DBU A 24 -3.77 -8.82 0.68
C DBU A 24 -1.13 -6.22 -0.34
O DBU A 24 -1.47 -5.19 0.24
H DBU A 24 -2.38 -7.34 -2.53
HB DBU A 24 -2.59 -7.20 1.53
HG1 DBU A 24 -4.17 -9.13 -0.29
HG2 DBU A 24 -4.60 -8.51 1.32
HG3 DBU A 24 -3.31 -9.70 1.14
N CYS A 25 0.09 -6.39 -0.85
CA CYS A 25 1.11 -5.36 -0.75
C CYS A 25 0.94 -4.32 -1.87
N CYS A 26 1.88 -3.38 -1.93
CA CYS A 26 1.84 -2.34 -2.94
C CYS A 26 2.96 -2.54 -3.97
N SER A 27 2.68 -3.35 -4.98
CA SER A 27 3.66 -3.62 -6.03
C SER A 27 2.97 -4.06 -7.31
N LYS A 1 -13.48 2.73 3.97
CA LYS A 1 -13.30 3.92 3.15
C LYS A 1 -12.14 4.76 3.67
N LYS A 2 -10.92 4.39 3.30
CA LYS A 2 -9.73 5.12 3.72
C LYS A 2 -8.93 5.60 2.52
N LYS A 3 -8.12 6.63 2.73
CA LYS A 3 -7.29 7.19 1.66
C LYS A 3 -6.47 6.09 0.99
N SER A 4 -5.78 5.30 1.80
CA SER A 4 -4.95 4.22 1.29
C SER A 4 -5.73 2.92 1.22
N GLY A 5 -6.15 2.42 2.38
CA GLY A 5 -6.91 1.19 2.43
C GLY A 5 -6.51 0.30 3.60
N VAL A 6 -5.23 -0.06 3.65
CA VAL A 6 -4.72 -0.91 4.72
C VAL A 6 -3.54 -0.25 5.42
N ILE A 7 -2.35 -0.42 4.85
CA ILE A 7 -1.13 0.16 5.41
C ILE A 7 -0.18 0.62 4.31
N PRO A 8 -0.08 1.94 4.14
CA PRO A 8 0.79 2.54 3.13
C PRO A 8 2.27 2.39 3.48
N DBB A 9 2.91 1.39 2.88
CA DBB A 9 4.33 1.12 3.13
C DBB A 9 4.49 -0.22 3.79
O DBB A 9 4.89 -0.30 4.96
CB DBB A 9 5.09 1.11 1.79
CG DBB A 9 4.67 2.33 0.96
H DBB A 9 2.41 0.80 2.25
HA DBB A 9 4.74 1.90 3.77
HB2 DBB A 9 4.85 0.20 1.24
HG1 DBB A 9 3.59 2.29 0.77
HG2 DBB A 9 4.91 3.24 1.51
HG3 DBB A 9 5.21 2.32 0.01
N VAL A 10 4.18 -1.28 3.07
CA VAL A 10 4.29 -2.64 3.60
C VAL A 10 4.86 -3.59 2.56
N DAL A 11 3.98 -4.20 1.77
CA DAL A 11 4.40 -5.14 0.73
CB DAL A 11 3.31 -6.18 0.51
C DAL A 11 5.66 -5.83 1.16
O DAL A 11 5.78 -6.30 2.30
H DAL A 11 3.03 -4.01 1.89
HA DAL A 11 4.59 -4.60 -0.20
HB1 DAL A 11 2.34 -5.68 0.44
HB2 DAL A 11 3.50 -6.72 -0.42
N HIS A 12 6.64 -5.92 0.25
CA HIS A 12 7.91 -6.57 0.55
C HIS A 12 9.04 -5.55 0.56
N ASP A 13 8.98 -4.58 -0.33
CA ASP A 13 9.99 -3.54 -0.43
C ASP A 13 9.44 -2.19 0.02
N CYS A 14 8.23 -1.88 -0.44
CA CYS A 14 7.58 -0.61 -0.09
C CYS A 14 8.45 0.57 -0.53
N HIS A 15 8.12 1.13 -1.70
CA HIS A 15 8.86 2.27 -2.22
C HIS A 15 8.02 3.54 -2.15
N MET A 16 7.09 3.57 -1.20
CA MET A 16 6.22 4.73 -1.03
C MET A 16 5.39 4.99 -2.28
N ASN A 17 4.12 4.57 -2.24
CA ASN A 17 3.23 4.75 -3.37
C ASN A 17 1.82 4.27 -3.03
N DAL A 18 1.10 5.08 -2.26
CA DAL A 18 -0.27 4.75 -1.86
CB DAL A 18 -0.30 3.34 -1.26
C DAL A 18 -1.18 4.79 -3.06
O DAL A 18 -1.97 5.71 -3.22
H DAL A 18 1.49 5.93 -1.95
HA DAL A 18 -0.63 5.46 -1.11
HB1 DAL A 18 -0.70 3.37 -0.25
HB2 DAL A 18 -0.92 2.68 -1.88
N PHE A 19 -1.05 3.79 -3.93
CA PHE A 19 -1.87 3.71 -5.13
C PHE A 19 -3.07 2.79 -4.92
N GLN A 20 -2.81 1.57 -4.46
CA GLN A 20 -3.87 0.61 -4.22
C GLN A 20 -3.29 -0.71 -3.71
N PHE A 21 -4.17 -1.59 -3.23
CA PHE A 21 -3.75 -2.89 -2.70
C PHE A 21 -4.31 -4.02 -3.55
N VAL A 22 -3.68 -4.26 -4.70
CA VAL A 22 -4.12 -5.31 -5.60
C VAL A 22 -3.61 -6.67 -5.13
N PHE A 23 -2.59 -6.66 -4.28
CA PHE A 23 -2.02 -7.89 -3.75
C PHE A 23 -1.59 -7.72 -2.29
N DBU A 24 -2.09 -6.65 -1.67
CA DBU A 24 -1.78 -6.39 -0.36
CB DBU A 24 -2.49 -6.76 0.72
CG DBU A 24 -3.77 -7.53 0.72
C DBU A 24 -0.53 -5.63 -0.09
O DBU A 24 0.11 -5.79 0.95
H DBU A 24 -2.68 -6.05 -2.15
HB DBU A 24 -2.15 -6.49 1.72
HG1 DBU A 24 -4.18 -7.70 1.72
HG2 DBU A 24 -3.61 -8.51 0.26
HG3 DBU A 24 -4.52 -7.00 0.13
N CYS A 25 -0.15 -4.76 -1.03
CA CYS A 25 1.04 -3.94 -0.88
C CYS A 25 0.76 -2.49 -1.26
N CYS A 26 1.82 -1.68 -1.32
CA CYS A 26 1.68 -0.27 -1.66
C CYS A 26 2.68 0.11 -2.75
N SER A 27 2.70 -0.66 -3.83
CA SER A 27 3.60 -0.40 -4.95
C SER A 27 3.38 -1.40 -6.07
N LYS A 1 -5.84 5.18 -0.34
CA LYS A 1 -5.62 5.39 1.09
C LYS A 1 -6.91 5.81 1.77
N LYS A 2 -8.04 5.41 1.20
CA LYS A 2 -9.35 5.75 1.76
C LYS A 2 -10.27 4.53 1.76
N LYS A 3 -10.57 4.03 0.56
CA LYS A 3 -11.44 2.86 0.42
C LYS A 3 -10.95 1.71 1.28
N SER A 4 -9.63 1.63 1.47
CA SER A 4 -9.04 0.58 2.28
C SER A 4 -7.99 1.15 3.24
N GLY A 5 -6.86 1.57 2.69
CA GLY A 5 -5.80 2.13 3.51
C GLY A 5 -5.34 1.17 4.59
N VAL A 6 -5.08 -0.07 4.20
CA VAL A 6 -4.62 -1.09 5.14
C VAL A 6 -3.44 -0.58 5.96
N ILE A 7 -2.26 -0.63 5.38
CA ILE A 7 -1.05 -0.18 6.06
C ILE A 7 -0.08 0.48 5.08
N PRO A 8 0.18 1.77 5.29
CA PRO A 8 1.10 2.54 4.44
C PRO A 8 2.56 2.12 4.62
N DBB A 9 2.89 0.95 4.08
CA DBB A 9 4.26 0.43 4.18
C DBB A 9 4.22 -1.00 4.65
O DBB A 9 4.88 -1.35 5.64
CB DBB A 9 4.93 0.48 2.80
CG DBB A 9 3.88 0.86 1.74
H DBB A 9 2.22 0.43 3.60
HA DBB A 9 4.83 1.03 4.88
HB2 DBB A 9 5.35 -0.50 2.56
HG1 DBB A 9 3.52 1.86 1.93
HG2 DBB A 9 4.33 0.81 0.75
HG3 DBB A 9 3.05 0.16 1.80
N VAL A 10 3.44 -1.83 3.97
CA VAL A 10 3.31 -3.23 4.33
C VAL A 10 3.94 -4.13 3.28
N DAL A 11 3.91 -3.68 2.03
CA DAL A 11 4.49 -4.46 0.92
CB DAL A 11 3.87 -5.85 0.90
C DAL A 11 5.98 -4.56 1.10
O DAL A 11 6.48 -4.52 2.22
H DAL A 11 3.50 -2.81 1.85
HA DAL A 11 4.27 -3.95 -0.03
HB1 DAL A 11 4.06 -6.32 -0.07
HB2 DAL A 11 4.32 -6.46 1.69
N HIS A 12 6.70 -4.70 -0.01
CA HIS A 12 8.16 -4.82 0.03
C HIS A 12 8.81 -3.48 -0.29
N ASP A 13 8.63 -3.02 -1.52
CA ASP A 13 9.21 -1.75 -1.96
C ASP A 13 8.43 -0.58 -1.39
N CYS A 14 8.78 -0.19 -0.16
CA CYS A 14 8.11 0.92 0.51
C CYS A 14 9.03 2.13 0.61
N HIS A 15 8.65 3.23 -0.04
CA HIS A 15 9.44 4.45 -0.03
C HIS A 15 8.54 5.67 0.09
N MET A 16 7.46 5.69 -0.69
CA MET A 16 6.53 6.81 -0.67
C MET A 16 5.33 6.52 -1.57
N ASN A 17 4.48 5.59 -1.13
CA ASN A 17 3.29 5.22 -1.89
C ASN A 17 2.18 4.75 -0.97
N DAL A 18 1.14 4.16 -1.55
CA DAL A 18 0.00 3.67 -0.78
CB DAL A 18 -0.03 2.14 -0.84
C DAL A 18 -1.28 4.22 -1.35
O DAL A 18 -1.93 5.08 -0.75
H DAL A 18 1.14 4.05 -2.53
HA DAL A 18 0.09 3.99 0.26
HB1 DAL A 18 0.17 1.73 0.15
HB2 DAL A 18 -1.02 1.81 -1.17
N PHE A 19 -1.66 3.73 -2.53
CA PHE A 19 -2.87 4.18 -3.19
C PHE A 19 -3.96 3.12 -3.11
N GLN A 20 -3.59 1.87 -3.35
CA GLN A 20 -4.53 0.76 -3.31
C GLN A 20 -3.80 -0.58 -3.20
N PHE A 21 -4.36 -1.49 -2.41
CA PHE A 21 -3.77 -2.80 -2.22
C PHE A 21 -4.46 -3.84 -3.09
N VAL A 22 -3.67 -4.58 -3.87
CA VAL A 22 -4.20 -5.61 -4.76
C VAL A 22 -4.50 -6.89 -3.98
N PHE A 23 -3.44 -7.61 -3.62
CA PHE A 23 -3.59 -8.86 -2.88
C PHE A 23 -3.10 -8.70 -1.44
N DBU A 24 -3.13 -7.47 -0.96
CA DBU A 24 -2.72 -7.20 0.32
CB DBU A 24 -3.16 -7.79 1.46
CG DBU A 24 -4.20 -8.86 1.55
C DBU A 24 -1.67 -6.15 0.50
O DBU A 24 -1.79 -5.27 1.36
H DBU A 24 -3.45 -6.74 -1.52
HB DBU A 24 -2.75 -7.48 2.41
HG1 DBU A 24 -4.85 -8.91 0.67
HG2 DBU A 24 -4.83 -8.68 2.42
HG3 DBU A 24 -3.71 -9.83 1.66
N CYS A 25 -0.62 -6.22 -0.31
CA CYS A 25 0.47 -5.26 -0.24
C CYS A 25 0.14 -4.01 -1.05
N CYS A 26 1.11 -3.09 -1.14
CA CYS A 26 0.92 -1.85 -1.88
C CYS A 26 1.65 -1.91 -3.22
N SER A 27 0.93 -2.33 -4.26
CA SER A 27 1.50 -2.43 -5.60
C SER A 27 2.69 -3.40 -5.60
#